data_8ZGI
#
_entry.id   8ZGI
#
_cell.length_a   144.296
_cell.length_b   144.296
_cell.length_c   262.742
_cell.angle_alpha   90.00
_cell.angle_beta   90.00
_cell.angle_gamma   120.00
#
_symmetry.space_group_name_H-M   'P 61 2 2'
#
_entity_poly.entity_id   1
_entity_poly.type   'polypeptide(L)'
_entity_poly.pdbx_seq_one_letter_code
;MDRSAVDTIRGYCYQVDKTIIEIFSLPQMDDSIDIECIEDVDVYNDGHLTAIQCKYYESTDYNHSVISKPIRLMLSHFKD
NKEKGANYYLYGHYKSGQEKLTLPLKVDFFKSNFLTYTEKKIKHEYHIENGLTEEDLQAFLDRLVININAKSFDDQKKET
IQIIKNHFQCEDYEAEHYLYSNAFRKTYDISCNKKDRRIKKSDFVESINKSKVLFNIWFYQYEGRKEYLRKLKESFIRRS
VNTSPYARFFILEFQDKTDIKTVKDCIYKIQSNWSNLSKRTDRPYSPFLLFHGTSDANLYELKNQLFNEDLIFTDGYPFK
GSVFTPKMLIEGFSNKEIHFQFINDIDDFNETLNSINIRKEVYQFYTENCLDIPSQLPQVNIQVKDFADIKEIV
;
_entity_poly.pdbx_strand_id   A,B
#
# COMPACT_ATOMS: atom_id res chain seq x y z
N SER A 4 -9.01 23.66 -54.07
CA SER A 4 -10.29 23.25 -53.53
C SER A 4 -10.71 24.15 -52.38
N ALA A 5 -11.43 23.59 -51.41
CA ALA A 5 -11.79 24.30 -50.20
C ALA A 5 -10.61 24.47 -49.25
N VAL A 6 -9.46 23.85 -49.54
CA VAL A 6 -8.29 24.05 -48.70
C VAL A 6 -7.73 25.46 -48.88
N ASP A 7 -7.89 26.04 -50.06
CA ASP A 7 -7.45 27.42 -50.28
C ASP A 7 -8.17 28.38 -49.34
N THR A 8 -9.39 28.04 -48.92
CA THR A 8 -10.04 28.78 -47.84
C THR A 8 -9.17 28.75 -46.58
N ILE A 9 -8.85 27.55 -46.09
CA ILE A 9 -7.96 27.44 -44.93
C ILE A 9 -6.57 27.97 -45.28
N ARG A 10 -6.03 27.54 -46.42
CA ARG A 10 -4.70 27.97 -46.87
C ARG A 10 -4.82 29.41 -47.36
N GLY A 11 -4.82 30.33 -46.39
CA GLY A 11 -5.04 31.73 -46.66
C GLY A 11 -5.82 32.40 -45.55
N TYR A 12 -6.75 31.67 -44.93
CA TYR A 12 -7.34 32.14 -43.68
C TYR A 12 -6.27 32.30 -42.61
N CYS A 13 -5.19 31.53 -42.71
CA CYS A 13 -4.04 31.70 -41.82
C CYS A 13 -3.13 32.84 -42.28
N TYR A 14 -3.10 33.12 -43.59
CA TYR A 14 -2.30 34.23 -44.09
C TYR A 14 -2.72 35.55 -43.46
N GLN A 15 -4.03 35.82 -43.44
CA GLN A 15 -4.52 37.06 -42.85
C GLN A 15 -4.22 37.14 -41.36
N VAL A 16 -4.05 35.99 -40.68
CA VAL A 16 -3.65 36.01 -39.29
C VAL A 16 -2.18 36.38 -39.16
N ASP A 17 -1.31 35.72 -39.92
CA ASP A 17 0.12 36.04 -39.90
C ASP A 17 0.35 37.50 -40.24
N LYS A 18 -0.28 37.98 -41.32
CA LYS A 18 -0.19 39.40 -41.67
C LYS A 18 -0.69 40.28 -40.53
N THR A 19 -1.63 39.78 -39.72
CA THR A 19 -2.14 40.56 -38.60
C THR A 19 -1.18 40.53 -37.41
N ILE A 20 -0.60 39.37 -37.11
CA ILE A 20 0.33 39.30 -35.98
C ILE A 20 1.70 39.88 -36.37
N ILE A 21 2.05 39.85 -37.65
CA ILE A 21 3.21 40.61 -38.11
C ILE A 21 2.95 42.10 -37.97
N GLU A 22 1.70 42.52 -38.19
CA GLU A 22 1.32 43.93 -38.06
C GLU A 22 1.47 44.43 -36.63
N ILE A 23 1.60 43.54 -35.65
CA ILE A 23 1.71 43.92 -34.26
C ILE A 23 3.16 43.96 -33.79
N PHE A 24 3.93 42.91 -34.08
CA PHE A 24 5.32 42.87 -33.65
C PHE A 24 6.18 43.89 -34.39
N SER A 25 5.85 44.18 -35.66
CA SER A 25 6.57 45.22 -36.37
C SER A 25 6.33 46.59 -35.76
N LEU A 26 5.18 46.78 -35.12
CA LEU A 26 4.88 48.00 -34.39
C LEU A 26 5.79 48.11 -33.17
N PRO A 27 6.70 49.08 -33.12
CA PRO A 27 7.64 49.17 -31.99
C PRO A 27 7.20 50.07 -30.85
N GLN A 28 5.95 50.55 -30.86
CA GLN A 28 5.51 51.48 -29.83
C GLN A 28 5.55 50.84 -28.44
N MET A 29 5.35 49.51 -28.37
CA MET A 29 5.37 48.77 -27.10
C MET A 29 4.36 49.33 -26.11
N ASP A 30 3.27 49.89 -26.62
CA ASP A 30 2.24 50.48 -25.79
C ASP A 30 0.88 50.12 -26.40
N ASP A 31 -0.19 50.59 -25.75
CA ASP A 31 -1.55 50.22 -26.14
C ASP A 31 -2.05 51.15 -27.26
N SER A 32 -1.53 50.94 -28.46
CA SER A 32 -2.03 51.66 -29.63
C SER A 32 -1.88 50.77 -30.87
N ILE A 33 -2.94 50.01 -31.16
CA ILE A 33 -3.13 49.34 -32.44
C ILE A 33 -4.53 48.73 -32.49
N ASP A 34 -5.17 48.79 -33.65
CA ASP A 34 -6.46 48.16 -33.88
C ASP A 34 -6.30 47.00 -34.86
N ILE A 35 -7.37 46.23 -35.04
CA ILE A 35 -7.31 44.97 -35.75
C ILE A 35 -8.51 44.84 -36.68
N GLU A 36 -8.28 44.25 -37.86
CA GLU A 36 -9.36 43.83 -38.74
C GLU A 36 -10.10 42.67 -38.06
N CYS A 37 -11.34 42.90 -37.65
CA CYS A 37 -11.89 42.15 -36.51
C CYS A 37 -12.70 40.90 -36.88
N ILE A 38 -13.84 41.07 -37.54
CA ILE A 38 -14.93 40.10 -37.42
C ILE A 38 -14.79 39.00 -38.46
N GLU A 39 -14.82 37.75 -38.00
CA GLU A 39 -14.89 36.58 -38.88
C GLU A 39 -16.15 35.75 -38.65
N ASP A 40 -16.41 35.30 -37.42
CA ASP A 40 -17.59 34.51 -37.06
C ASP A 40 -17.69 33.25 -37.93
N VAL A 41 -16.71 32.36 -37.72
CA VAL A 41 -16.51 31.21 -38.59
C VAL A 41 -17.08 29.93 -38.00
N ASP A 42 -16.85 29.67 -36.70
CA ASP A 42 -17.32 28.45 -36.05
C ASP A 42 -16.74 27.20 -36.74
N VAL A 43 -15.46 26.97 -36.47
CA VAL A 43 -14.55 26.18 -37.31
C VAL A 43 -14.79 24.69 -37.14
N TYR A 44 -15.90 24.31 -36.48
CA TYR A 44 -16.27 22.91 -36.36
C TYR A 44 -16.15 22.17 -37.69
N ASN A 45 -16.67 22.76 -38.78
CA ASN A 45 -16.64 22.14 -40.09
C ASN A 45 -15.66 22.81 -41.04
N ASP A 46 -15.73 24.13 -41.20
CA ASP A 46 -14.76 25.01 -41.86
C ASP A 46 -14.63 24.77 -43.36
N GLY A 47 -15.35 23.82 -43.95
CA GLY A 47 -15.20 23.56 -45.37
C GLY A 47 -15.72 24.71 -46.22
N HIS A 48 -16.81 25.33 -45.82
CA HIS A 48 -17.45 26.42 -46.52
C HIS A 48 -17.11 27.75 -45.83
N LEU A 49 -17.83 28.81 -46.17
CA LEU A 49 -17.66 30.13 -45.57
C LEU A 49 -16.26 30.68 -45.84
N THR A 50 -16.06 31.02 -47.11
CA THR A 50 -14.74 31.30 -47.70
C THR A 50 -14.44 32.79 -47.78
N ALA A 51 -14.75 33.56 -46.74
CA ALA A 51 -14.50 35.00 -46.76
C ALA A 51 -13.04 35.37 -46.96
N ILE A 52 -12.12 34.40 -46.88
CA ILE A 52 -10.69 34.66 -47.08
C ILE A 52 -10.09 33.50 -47.86
N GLN A 53 -9.23 33.80 -48.83
CA GLN A 53 -8.60 32.77 -49.64
C GLN A 53 -7.20 33.21 -50.05
N CYS A 54 -6.44 32.27 -50.61
CA CYS A 54 -5.11 32.54 -51.10
C CYS A 54 -4.77 31.51 -52.16
N LYS A 55 -4.28 31.98 -53.32
CA LYS A 55 -4.00 31.12 -54.46
C LYS A 55 -2.53 31.27 -54.86
N TYR A 56 -1.92 30.14 -55.22
CA TYR A 56 -0.49 30.11 -55.55
C TYR A 56 -0.24 29.32 -56.82
N TYR A 57 -0.94 29.68 -57.90
CA TYR A 57 -0.59 29.09 -59.19
C TYR A 57 0.68 29.75 -59.72
N GLU A 58 1.77 29.70 -58.95
CA GLU A 58 3.00 30.37 -59.35
C GLU A 58 3.58 29.75 -60.62
N SER A 59 3.40 28.43 -60.79
CA SER A 59 3.81 27.74 -62.01
C SER A 59 3.17 28.33 -63.26
N THR A 60 2.08 29.07 -63.10
CA THR A 60 1.38 29.77 -64.15
C THR A 60 1.22 31.23 -63.76
N ASP A 61 0.43 31.97 -64.54
CA ASP A 61 0.22 33.38 -64.33
C ASP A 61 -1.22 33.65 -63.92
N TYR A 62 -1.42 34.81 -63.30
CA TYR A 62 -2.77 35.29 -63.04
C TYR A 62 -3.49 35.52 -64.38
N ASN A 63 -4.73 35.05 -64.46
CA ASN A 63 -5.44 34.96 -65.73
C ASN A 63 -6.87 35.51 -65.66
N HIS A 64 -7.29 36.05 -64.51
CA HIS A 64 -8.63 36.59 -64.27
C HIS A 64 -9.68 35.50 -64.23
N SER A 65 -9.32 34.29 -64.65
CA SER A 65 -10.26 33.19 -64.69
C SER A 65 -10.04 32.20 -63.56
N VAL A 66 -8.86 32.23 -62.95
CA VAL A 66 -8.58 31.39 -61.79
C VAL A 66 -9.29 31.95 -60.55
N ILE A 67 -9.37 33.28 -60.43
CA ILE A 67 -9.99 33.92 -59.28
C ILE A 67 -11.37 34.50 -59.61
N SER A 68 -11.88 34.23 -60.82
CA SER A 68 -13.22 34.72 -61.15
C SER A 68 -14.27 34.13 -60.22
N LYS A 69 -14.27 32.80 -60.08
CA LYS A 69 -15.31 32.16 -59.28
C LYS A 69 -15.21 32.50 -57.80
N PRO A 70 -14.03 32.49 -57.16
CA PRO A 70 -13.99 32.89 -55.74
C PRO A 70 -14.62 34.25 -55.46
N ILE A 71 -14.30 35.26 -56.27
CA ILE A 71 -14.89 36.58 -56.09
C ILE A 71 -16.41 36.52 -56.26
N ARG A 72 -16.88 35.67 -57.17
CA ARG A 72 -18.32 35.52 -57.38
C ARG A 72 -18.98 34.91 -56.14
N LEU A 73 -18.37 33.86 -55.58
CA LEU A 73 -18.90 33.29 -54.35
C LEU A 73 -18.78 34.26 -53.19
N MET A 74 -17.76 35.12 -53.22
CA MET A 74 -17.68 36.20 -52.22
C MET A 74 -18.85 37.16 -52.39
N LEU A 75 -19.19 37.49 -53.63
CA LEU A 75 -20.26 38.45 -53.88
C LEU A 75 -21.59 37.94 -53.35
N SER A 76 -21.86 36.64 -53.51
CA SER A 76 -23.10 36.06 -52.99
C SER A 76 -23.20 36.23 -51.48
N HIS A 77 -22.07 36.16 -50.77
CA HIS A 77 -22.09 36.38 -49.33
C HIS A 77 -22.45 37.82 -49.01
N PHE A 78 -21.79 38.78 -49.66
CA PHE A 78 -22.14 40.19 -49.49
C PHE A 78 -23.53 40.48 -50.06
N LYS A 79 -23.92 39.78 -51.12
CA LYS A 79 -25.25 39.95 -51.69
C LYS A 79 -26.33 39.65 -50.65
N ASP A 80 -26.17 38.57 -49.88
CA ASP A 80 -27.14 38.20 -48.87
C ASP A 80 -26.88 38.84 -47.52
N ASN A 81 -25.66 39.31 -47.26
CA ASN A 81 -25.26 39.83 -45.96
C ASN A 81 -24.50 41.14 -46.10
N LYS A 82 -25.05 42.07 -46.88
CA LYS A 82 -24.44 43.38 -47.04
C LYS A 82 -24.35 44.13 -45.72
N GLU A 83 -25.33 43.93 -44.83
CA GLU A 83 -25.46 44.72 -43.61
C GLU A 83 -24.60 44.18 -42.47
N LYS A 84 -23.31 44.01 -42.71
CA LYS A 84 -22.37 43.59 -41.66
C LYS A 84 -21.11 44.42 -41.58
N GLY A 85 -20.68 45.07 -42.66
CA GLY A 85 -19.47 45.87 -42.62
C GLY A 85 -18.17 45.10 -42.62
N ALA A 86 -18.22 43.77 -42.71
CA ALA A 86 -17.01 42.97 -42.75
C ALA A 86 -16.26 43.19 -44.07
N ASN A 87 -15.02 42.71 -44.12
CA ASN A 87 -14.16 42.89 -45.26
C ASN A 87 -13.79 41.54 -45.85
N TYR A 88 -13.66 41.50 -47.18
CA TYR A 88 -13.26 40.30 -47.90
C TYR A 88 -11.81 40.44 -48.35
N TYR A 89 -11.05 39.36 -48.19
CA TYR A 89 -9.61 39.38 -48.43
C TYR A 89 -9.25 38.35 -49.49
N LEU A 90 -8.34 38.72 -50.39
CA LEU A 90 -7.84 37.84 -51.43
C LEU A 90 -6.37 38.15 -51.66
N TYR A 91 -5.55 37.11 -51.69
CA TYR A 91 -4.11 37.24 -51.89
C TYR A 91 -3.66 36.27 -52.98
N GLY A 92 -2.41 36.42 -53.40
CA GLY A 92 -1.88 35.58 -54.46
C GLY A 92 -0.40 35.82 -54.67
N HIS A 93 0.23 34.81 -55.27
CA HIS A 93 1.66 34.88 -55.59
C HIS A 93 1.90 34.03 -56.83
N TYR A 94 2.20 34.68 -57.95
CA TYR A 94 2.39 33.99 -59.22
C TYR A 94 3.75 34.37 -59.79
N LYS A 95 4.22 33.56 -60.74
CA LYS A 95 5.46 33.89 -61.45
C LYS A 95 5.33 35.20 -62.21
N SER A 96 4.37 35.26 -63.14
CA SER A 96 4.10 36.46 -63.91
C SER A 96 2.60 36.64 -63.97
N GLY A 97 2.15 37.55 -64.85
CA GLY A 97 0.73 37.79 -65.03
C GLY A 97 0.13 38.79 -64.07
N GLN A 98 0.90 39.27 -63.08
CA GLN A 98 0.36 40.26 -62.14
C GLN A 98 0.02 41.57 -62.84
N GLU A 99 0.68 41.85 -63.97
CA GLU A 99 0.45 43.10 -64.69
C GLU A 99 -0.95 43.17 -65.29
N LYS A 100 -1.65 42.04 -65.41
CA LYS A 100 -2.96 42.04 -66.04
C LYS A 100 -4.06 42.60 -65.14
N LEU A 101 -3.87 42.59 -63.83
CA LEU A 101 -4.86 43.12 -62.90
C LEU A 101 -4.68 44.63 -62.81
N THR A 102 -5.46 45.36 -63.60
CA THR A 102 -5.41 46.82 -63.61
C THR A 102 -5.96 47.36 -62.29
N LEU A 103 -5.07 47.85 -61.43
CA LEU A 103 -5.46 48.37 -60.14
C LEU A 103 -5.44 49.90 -60.15
N PRO A 104 -6.34 50.56 -59.42
CA PRO A 104 -7.36 49.97 -58.55
C PRO A 104 -8.52 49.35 -59.31
N LEU A 105 -9.40 48.65 -58.60
CA LEU A 105 -10.52 47.98 -59.23
C LEU A 105 -11.60 48.99 -59.59
N LYS A 106 -12.03 48.94 -60.85
CA LYS A 106 -13.12 49.78 -61.35
C LYS A 106 -14.25 48.89 -61.83
N VAL A 107 -15.47 49.42 -61.76
CA VAL A 107 -16.66 48.61 -62.01
C VAL A 107 -16.69 48.11 -63.45
N ASP A 108 -16.51 49.02 -64.41
CA ASP A 108 -16.57 48.63 -65.81
C ASP A 108 -15.47 47.63 -66.18
N PHE A 109 -14.38 47.58 -65.40
CA PHE A 109 -13.39 46.53 -65.55
C PHE A 109 -13.73 45.29 -64.72
N PHE A 110 -14.45 45.48 -63.61
CA PHE A 110 -14.83 44.36 -62.75
C PHE A 110 -15.73 43.39 -63.50
N LYS A 111 -16.87 43.88 -64.00
CA LYS A 111 -17.84 43.01 -64.66
C LYS A 111 -17.41 42.60 -66.06
N SER A 112 -16.31 43.13 -66.57
CA SER A 112 -15.84 42.78 -67.90
C SER A 112 -14.95 41.53 -67.91
N ASN A 113 -14.33 41.20 -66.78
CA ASN A 113 -13.45 40.03 -66.71
C ASN A 113 -13.78 39.07 -65.57
N PHE A 114 -14.47 39.51 -64.53
CA PHE A 114 -14.80 38.65 -63.40
C PHE A 114 -16.25 38.19 -63.40
N LEU A 115 -17.18 39.11 -63.66
CA LEU A 115 -18.61 38.79 -63.67
C LEU A 115 -19.12 38.36 -65.04
N THR A 116 -18.23 38.15 -66.00
CA THR A 116 -18.59 37.70 -67.34
C THR A 116 -17.77 36.46 -67.66
N TYR A 117 -18.43 35.30 -67.70
CA TYR A 117 -17.77 34.03 -67.91
C TYR A 117 -18.62 33.18 -68.84
N THR A 118 -18.12 31.98 -69.14
CA THR A 118 -18.81 31.04 -70.03
C THR A 118 -18.95 29.70 -69.33
N GLU A 119 -20.17 29.20 -69.24
CA GLU A 119 -20.48 27.94 -68.58
C GLU A 119 -21.40 27.12 -69.47
N LYS A 120 -20.91 25.97 -69.92
CA LYS A 120 -21.68 25.04 -70.76
C LYS A 120 -22.15 25.72 -72.05
N LYS A 121 -21.21 26.34 -72.75
CA LYS A 121 -21.41 26.99 -74.04
C LYS A 121 -22.40 28.16 -73.97
N ILE A 122 -22.80 28.59 -72.78
CA ILE A 122 -23.60 29.79 -72.62
C ILE A 122 -22.88 30.70 -71.63
N LYS A 123 -23.06 32.01 -71.80
CA LYS A 123 -22.38 32.99 -70.98
C LYS A 123 -23.30 33.50 -69.88
N HIS A 124 -22.69 34.15 -68.89
CA HIS A 124 -23.42 34.69 -67.75
C HIS A 124 -22.90 36.08 -67.42
N GLU A 125 -23.76 36.85 -66.76
CA GLU A 125 -23.38 38.15 -66.20
C GLU A 125 -23.93 38.19 -64.77
N TYR A 126 -23.03 37.99 -63.81
CA TYR A 126 -23.46 37.77 -62.42
C TYR A 126 -24.28 38.94 -61.89
N HIS A 127 -23.87 40.18 -62.21
CA HIS A 127 -24.62 41.33 -61.73
C HIS A 127 -25.99 41.41 -62.38
N ILE A 128 -26.10 41.03 -63.66
CA ILE A 128 -27.39 40.99 -64.33
C ILE A 128 -28.24 39.85 -63.77
N GLU A 129 -27.65 38.67 -63.62
CA GLU A 129 -28.33 37.49 -63.10
C GLU A 129 -28.58 37.55 -61.60
N ASN A 130 -28.33 38.67 -60.93
CA ASN A 130 -28.68 38.82 -59.53
C ASN A 130 -29.23 40.20 -59.20
N GLY A 131 -29.39 41.10 -60.17
CA GLY A 131 -29.98 42.40 -59.94
C GLY A 131 -29.21 43.26 -58.96
N LEU A 132 -28.00 43.67 -59.33
CA LEU A 132 -27.15 44.49 -58.48
C LEU A 132 -26.78 45.77 -59.21
N THR A 133 -27.17 46.90 -58.64
CA THR A 133 -26.78 48.18 -59.21
C THR A 133 -25.28 48.40 -59.02
N GLU A 134 -24.74 49.33 -59.81
CA GLU A 134 -23.31 49.63 -59.70
C GLU A 134 -22.99 50.30 -58.37
N GLU A 135 -23.92 51.06 -57.81
CA GLU A 135 -23.74 51.59 -56.46
C GLU A 135 -23.69 50.45 -55.45
N ASP A 136 -24.57 49.47 -55.59
CA ASP A 136 -24.52 48.29 -54.72
C ASP A 136 -23.24 47.51 -54.92
N LEU A 137 -22.70 47.52 -56.14
CA LEU A 137 -21.43 46.84 -56.41
C LEU A 137 -20.25 47.59 -55.83
N GLN A 138 -20.34 48.92 -55.75
CA GLN A 138 -19.20 49.72 -55.32
C GLN A 138 -18.79 49.38 -53.88
N ALA A 139 -19.77 49.08 -53.02
CA ALA A 139 -19.45 48.72 -51.65
C ALA A 139 -18.62 47.43 -51.60
N PHE A 140 -18.87 46.51 -52.51
CA PHE A 140 -18.12 45.25 -52.52
C PHE A 140 -16.65 45.48 -52.88
N LEU A 141 -16.40 46.19 -53.97
CA LEU A 141 -15.02 46.46 -54.38
C LEU A 141 -14.27 47.27 -53.33
N ASP A 142 -14.98 48.13 -52.60
CA ASP A 142 -14.34 48.86 -51.51
C ASP A 142 -13.99 47.92 -50.36
N ARG A 143 -14.94 47.11 -49.91
CA ARG A 143 -14.68 46.11 -48.88
C ARG A 143 -13.75 45.00 -49.35
N LEU A 144 -13.51 44.89 -50.65
CA LEU A 144 -12.66 43.83 -51.18
C LEU A 144 -11.19 44.21 -51.06
N VAL A 145 -10.36 43.22 -50.75
CA VAL A 145 -8.92 43.40 -50.60
C VAL A 145 -8.25 42.34 -51.47
N ILE A 146 -7.56 42.79 -52.52
CA ILE A 146 -6.90 41.89 -53.47
C ILE A 146 -5.43 42.26 -53.52
N ASN A 147 -4.56 41.24 -53.43
CA ASN A 147 -3.11 41.45 -53.50
C ASN A 147 -2.51 40.21 -54.17
N ILE A 148 -2.34 40.30 -55.48
CA ILE A 148 -1.72 39.21 -56.23
C ILE A 148 -0.22 39.46 -56.29
N ASN A 149 0.25 40.49 -55.59
CA ASN A 149 1.65 40.81 -55.45
C ASN A 149 2.17 40.51 -54.05
N ALA A 150 1.52 39.60 -53.34
CA ALA A 150 1.86 39.31 -51.96
C ALA A 150 2.98 38.27 -51.87
N LYS A 151 3.55 38.16 -50.68
CA LYS A 151 4.61 37.19 -50.44
C LYS A 151 4.06 35.77 -50.48
N SER A 152 4.96 34.81 -50.73
CA SER A 152 4.57 33.41 -50.73
C SER A 152 4.11 32.99 -49.35
N PHE A 153 3.19 32.02 -49.31
CA PHE A 153 2.69 31.52 -48.04
C PHE A 153 3.81 30.98 -47.18
N ASP A 154 4.77 30.27 -47.79
CA ASP A 154 5.90 29.74 -47.03
C ASP A 154 6.80 30.86 -46.54
N ASP A 155 7.08 31.86 -47.39
CA ASP A 155 7.99 32.92 -47.01
C ASP A 155 7.40 33.83 -45.94
N GLN A 156 6.08 34.02 -45.95
CA GLN A 156 5.46 34.80 -44.87
C GLN A 156 5.42 34.02 -43.56
N LYS A 157 5.27 32.69 -43.64
CA LYS A 157 5.34 31.88 -42.43
C LYS A 157 6.72 31.94 -41.80
N LYS A 158 7.77 31.85 -42.63
CA LYS A 158 9.13 31.96 -42.10
C LYS A 158 9.41 33.37 -41.60
N GLU A 159 8.96 34.39 -42.35
CA GLU A 159 9.11 35.77 -41.87
C GLU A 159 8.40 35.98 -40.54
N THR A 160 7.28 35.28 -40.33
CA THR A 160 6.63 35.32 -39.04
C THR A 160 7.49 34.68 -37.96
N ILE A 161 8.28 33.66 -38.32
CA ILE A 161 9.11 32.98 -37.34
C ILE A 161 10.31 33.84 -36.95
N GLN A 162 11.04 34.36 -37.94
CA GLN A 162 12.22 35.14 -37.64
C GLN A 162 11.89 36.39 -36.83
N ILE A 163 10.66 36.90 -36.99
CA ILE A 163 10.22 38.00 -36.13
C ILE A 163 9.87 37.48 -34.74
N ILE A 164 9.30 36.27 -34.66
CA ILE A 164 8.94 35.73 -33.35
C ILE A 164 10.18 35.38 -32.55
N LYS A 165 11.30 35.08 -33.22
CA LYS A 165 12.55 34.85 -32.51
C LYS A 165 13.19 36.16 -32.08
N ASN A 166 13.08 37.20 -32.92
CA ASN A 166 13.78 38.47 -32.72
C ASN A 166 12.99 39.43 -31.84
N HIS A 167 12.11 38.92 -30.99
CA HIS A 167 11.53 39.74 -29.93
C HIS A 167 12.21 39.48 -28.59
N PHE A 168 12.34 38.22 -28.18
CA PHE A 168 13.05 37.90 -26.94
C PHE A 168 13.99 36.72 -27.10
N GLN A 169 14.57 36.55 -28.29
CA GLN A 169 15.77 35.75 -28.51
C GLN A 169 15.56 34.28 -28.07
N CYS A 170 14.67 33.62 -28.77
CA CYS A 170 14.49 32.18 -28.64
C CYS A 170 15.30 31.48 -29.73
N GLU A 171 15.08 30.17 -29.90
CA GLU A 171 15.78 29.38 -30.89
C GLU A 171 14.83 29.03 -32.04
N ASP A 172 15.37 29.01 -33.26
CA ASP A 172 14.54 28.79 -34.44
C ASP A 172 14.07 27.34 -34.54
N TYR A 173 14.94 26.38 -34.19
CA TYR A 173 14.64 24.97 -34.39
C TYR A 173 13.51 24.48 -33.48
N GLU A 174 12.97 25.34 -32.62
CA GLU A 174 11.93 24.95 -31.67
C GLU A 174 10.78 25.94 -31.59
N ALA A 175 10.94 27.16 -32.10
CA ALA A 175 9.92 28.19 -31.93
C ALA A 175 8.75 28.02 -32.90
N GLU A 176 8.99 27.46 -34.08
CA GLU A 176 7.92 27.33 -35.07
C GLU A 176 6.84 26.34 -34.67
N HIS A 177 6.99 25.66 -33.53
CA HIS A 177 5.95 24.77 -33.01
C HIS A 177 5.39 25.24 -31.67
N TYR A 178 5.94 26.31 -31.09
CA TYR A 178 5.53 26.78 -29.78
C TYR A 178 4.90 28.17 -29.83
N LEU A 179 5.61 29.17 -30.36
CA LEU A 179 5.15 30.55 -30.25
C LEU A 179 4.16 30.91 -31.35
N TYR A 180 4.44 30.47 -32.58
CA TYR A 180 3.52 30.71 -33.69
C TYR A 180 2.11 30.19 -33.37
N SER A 181 2.03 29.02 -32.73
CA SER A 181 0.74 28.40 -32.48
C SER A 181 -0.07 29.20 -31.45
N ASN A 182 0.52 29.49 -30.29
CA ASN A 182 -0.21 30.18 -29.24
C ASN A 182 -0.58 31.61 -29.64
N ALA A 183 0.22 32.22 -30.52
CA ALA A 183 -0.15 33.54 -31.04
C ALA A 183 -1.27 33.45 -32.07
N PHE A 184 -1.34 32.33 -32.80
CA PHE A 184 -2.37 32.15 -33.81
C PHE A 184 -3.76 32.14 -33.19
N ARG A 185 -4.00 31.19 -32.28
CA ARG A 185 -5.32 31.06 -31.66
C ARG A 185 -5.67 32.30 -30.86
N LYS A 186 -4.69 32.93 -30.21
CA LYS A 186 -4.95 34.13 -29.43
C LYS A 186 -5.46 35.25 -30.32
N THR A 187 -4.81 35.48 -31.46
CA THR A 187 -5.26 36.51 -32.39
C THR A 187 -6.64 36.18 -32.96
N TYR A 188 -6.87 34.91 -33.28
CA TYR A 188 -8.16 34.50 -33.83
C TYR A 188 -9.29 34.78 -32.85
N ASP A 189 -9.14 34.35 -31.59
CA ASP A 189 -10.18 34.58 -30.59
C ASP A 189 -10.40 36.06 -30.33
N ILE A 190 -9.34 36.87 -30.42
CA ILE A 190 -9.50 38.32 -30.28
C ILE A 190 -10.23 38.89 -31.48
N SER A 191 -9.93 38.39 -32.68
CA SER A 191 -10.53 38.91 -33.89
C SER A 191 -12.04 38.68 -33.89
N CYS A 192 -12.46 37.42 -33.78
CA CYS A 192 -13.88 37.10 -33.89
C CYS A 192 -14.72 37.84 -32.85
N ASN A 193 -14.17 38.04 -31.65
CA ASN A 193 -14.87 38.79 -30.63
C ASN A 193 -14.87 40.28 -30.97
N LYS A 194 -16.06 40.86 -31.06
CA LYS A 194 -16.25 42.26 -31.42
C LYS A 194 -16.45 43.15 -30.20
N LYS A 195 -15.76 42.84 -29.11
CA LYS A 195 -15.93 43.53 -27.84
C LYS A 195 -15.20 44.87 -27.77
N ASP A 196 -14.86 45.45 -28.92
CA ASP A 196 -14.00 46.63 -29.00
C ASP A 196 -12.65 46.33 -28.35
N ARG A 197 -12.17 45.10 -28.55
CA ARG A 197 -10.92 44.63 -27.97
C ARG A 197 -9.80 44.92 -28.95
N ARG A 198 -9.05 45.99 -28.70
CA ARG A 198 -7.83 46.29 -29.42
C ARG A 198 -6.64 45.85 -28.59
N ILE A 199 -5.62 45.34 -29.26
CA ILE A 199 -4.51 44.66 -28.61
C ILE A 199 -3.46 45.69 -28.21
N LYS A 200 -2.69 45.35 -27.17
CA LYS A 200 -1.50 46.08 -26.77
C LYS A 200 -0.32 45.14 -26.89
N LYS A 201 0.75 45.60 -27.54
CA LYS A 201 1.88 44.72 -27.84
C LYS A 201 2.47 44.10 -26.58
N SER A 202 2.46 44.84 -25.46
CA SER A 202 3.01 44.31 -24.22
C SER A 202 2.23 43.07 -23.75
N ASP A 203 0.90 43.20 -23.65
CA ASP A 203 0.09 42.10 -23.15
C ASP A 203 0.14 40.87 -24.04
N PHE A 204 0.48 41.03 -25.32
CA PHE A 204 0.50 39.90 -26.24
C PHE A 204 1.59 38.91 -25.88
N VAL A 205 2.83 39.38 -25.73
CA VAL A 205 3.96 38.47 -25.50
C VAL A 205 3.89 37.87 -24.10
N GLU A 206 3.49 38.66 -23.11
CA GLU A 206 3.45 38.19 -21.73
C GLU A 206 2.21 37.36 -21.42
N SER A 207 1.51 36.88 -22.44
CA SER A 207 0.34 36.03 -22.25
C SER A 207 0.32 34.82 -23.19
N ILE A 208 1.38 34.62 -23.99
CA ILE A 208 1.41 33.53 -24.95
C ILE A 208 2.68 32.71 -24.80
N ASN A 209 3.42 32.93 -23.71
CA ASN A 209 4.68 32.24 -23.45
C ASN A 209 4.63 31.64 -22.04
N LYS A 210 4.19 30.38 -21.95
CA LYS A 210 4.19 29.67 -20.68
C LYS A 210 4.67 28.23 -20.83
N SER A 211 5.47 27.95 -21.86
CA SER A 211 5.98 26.62 -22.17
C SER A 211 4.87 25.60 -22.44
N LYS A 212 3.64 26.06 -22.61
CA LYS A 212 2.49 25.18 -22.85
C LYS A 212 2.02 25.40 -24.28
N VAL A 213 2.14 24.36 -25.11
CA VAL A 213 1.69 24.44 -26.50
C VAL A 213 0.18 24.21 -26.52
N LEU A 214 -0.55 25.21 -27.00
CA LEU A 214 -2.00 25.12 -27.06
C LEU A 214 -2.44 24.50 -28.38
N PHE A 215 -3.74 24.20 -28.46
CA PHE A 215 -4.30 23.47 -29.59
C PHE A 215 -4.64 24.47 -30.71
N ASN A 216 -3.93 24.37 -31.82
CA ASN A 216 -4.22 25.16 -33.00
C ASN A 216 -5.27 24.42 -33.81
N ILE A 217 -6.53 24.83 -33.68
CA ILE A 217 -7.63 24.15 -34.34
C ILE A 217 -7.60 24.33 -35.86
N TRP A 218 -6.67 25.12 -36.37
CA TRP A 218 -6.50 25.32 -37.81
C TRP A 218 -5.43 24.45 -38.43
N PHE A 219 -4.29 24.30 -37.74
CA PHE A 219 -3.17 23.54 -38.29
C PHE A 219 -3.52 22.06 -38.45
N TYR A 220 -4.12 21.46 -37.43
CA TYR A 220 -4.48 20.05 -37.51
C TYR A 220 -5.58 19.79 -38.53
N GLN A 221 -6.37 20.82 -38.85
CA GLN A 221 -7.27 20.73 -40.00
C GLN A 221 -6.52 20.92 -41.31
N TYR A 222 -5.44 21.72 -41.29
CA TYR A 222 -4.65 21.96 -42.49
C TYR A 222 -3.82 20.74 -42.83
N GLU A 223 -3.04 20.23 -41.87
CA GLU A 223 -2.14 19.13 -42.15
C GLU A 223 -2.84 17.78 -42.02
N GLY A 224 -3.74 17.64 -41.05
CA GLY A 224 -4.43 16.38 -40.82
C GLY A 224 -3.94 15.76 -39.53
N ARG A 225 -4.87 15.15 -38.79
CA ARG A 225 -4.53 14.55 -37.50
C ARG A 225 -3.40 13.55 -37.61
N LYS A 226 -3.47 12.67 -38.62
CA LYS A 226 -2.39 11.70 -38.84
C LYS A 226 -1.06 12.40 -39.09
N GLU A 227 -1.09 13.59 -39.69
CA GLU A 227 0.13 14.35 -39.97
C GLU A 227 0.42 15.41 -38.92
N TYR A 228 -0.61 16.02 -38.34
CA TYR A 228 -0.38 17.02 -37.29
C TYR A 228 0.27 16.39 -36.06
N LEU A 229 -0.07 15.15 -35.74
CA LEU A 229 0.55 14.47 -34.62
C LEU A 229 1.99 14.09 -34.94
N ARG A 230 2.26 13.71 -36.21
CA ARG A 230 3.63 13.44 -36.62
C ARG A 230 4.48 14.71 -36.56
N LYS A 231 3.88 15.86 -36.86
CA LYS A 231 4.62 17.13 -36.72
C LYS A 231 4.97 17.40 -35.27
N LEU A 232 4.15 16.94 -34.32
CA LEU A 232 4.46 17.12 -32.90
C LEU A 232 5.54 16.16 -32.45
N LYS A 233 5.51 14.92 -32.94
CA LYS A 233 6.50 13.93 -32.53
C LYS A 233 7.90 14.30 -32.99
N GLU A 234 8.05 14.57 -34.28
CA GLU A 234 9.38 14.86 -34.84
C GLU A 234 9.96 16.16 -34.29
N SER A 235 9.11 17.08 -33.86
CA SER A 235 9.57 18.39 -33.43
C SER A 235 9.96 18.41 -31.95
N PHE A 236 9.12 17.88 -31.08
CA PHE A 236 9.33 17.99 -29.65
C PHE A 236 10.11 16.81 -29.06
N ILE A 237 9.59 15.59 -29.22
CA ILE A 237 10.11 14.46 -28.48
C ILE A 237 11.20 13.72 -29.23
N ARG A 238 11.07 13.56 -30.55
CA ARG A 238 12.10 12.84 -31.31
C ARG A 238 13.37 13.66 -31.42
N ARG A 239 13.23 14.98 -31.56
CA ARG A 239 14.39 15.86 -31.52
C ARG A 239 15.06 15.85 -30.15
N SER A 240 14.26 15.77 -29.09
CA SER A 240 14.78 15.92 -27.73
C SER A 240 15.77 14.80 -27.39
N VAL A 241 15.28 13.56 -27.34
CA VAL A 241 16.08 12.44 -26.87
C VAL A 241 15.88 11.24 -27.79
N ASN A 242 16.95 10.49 -27.98
CA ASN A 242 16.91 9.27 -28.78
C ASN A 242 17.29 8.02 -27.98
N THR A 243 18.42 8.06 -27.26
CA THR A 243 18.89 6.89 -26.54
C THR A 243 19.45 7.19 -25.15
N SER A 244 19.30 8.41 -24.65
CA SER A 244 20.01 8.80 -23.43
C SER A 244 19.23 8.36 -22.19
N PRO A 245 19.86 7.65 -21.25
CA PRO A 245 19.17 7.25 -20.02
C PRO A 245 19.07 8.40 -19.02
N TYR A 246 17.88 8.96 -18.88
CA TYR A 246 17.62 10.04 -17.95
C TYR A 246 16.42 9.68 -17.08
N ALA A 247 16.07 10.60 -16.16
CA ALA A 247 14.88 10.45 -15.33
C ALA A 247 13.74 11.20 -16.00
N ARG A 248 13.07 10.52 -16.93
CA ARG A 248 12.03 11.14 -17.75
C ARG A 248 10.66 10.92 -17.11
N PHE A 249 9.87 11.99 -17.05
CA PHE A 249 8.55 11.96 -16.44
C PHE A 249 7.48 12.19 -17.50
N PHE A 250 6.28 11.65 -17.23
CA PHE A 250 5.16 11.76 -18.17
C PHE A 250 3.90 12.04 -17.34
N ILE A 251 3.58 13.32 -17.20
CA ILE A 251 2.38 13.74 -16.48
C ILE A 251 1.21 13.76 -17.46
N LEU A 252 0.09 13.17 -17.05
CA LEU A 252 -1.04 12.97 -17.94
C LEU A 252 -2.34 13.36 -17.23
N GLU A 253 -3.17 14.15 -17.91
CA GLU A 253 -4.52 14.42 -17.44
C GLU A 253 -5.48 13.44 -18.11
N PHE A 254 -6.33 12.82 -17.30
CA PHE A 254 -7.41 11.99 -17.82
C PHE A 254 -8.59 12.12 -16.88
N GLN A 255 -9.75 12.44 -17.45
CA GLN A 255 -10.95 12.67 -16.66
C GLN A 255 -11.72 11.35 -16.49
N ASP A 256 -12.79 11.42 -15.70
CA ASP A 256 -13.60 10.24 -15.43
C ASP A 256 -14.28 9.71 -16.70
N LYS A 257 -14.49 10.57 -17.69
CA LYS A 257 -15.10 10.13 -18.95
C LYS A 257 -14.18 9.24 -19.76
N THR A 258 -12.88 9.25 -19.49
CA THR A 258 -11.93 8.53 -20.32
C THR A 258 -12.00 7.03 -20.05
N ASP A 259 -11.81 6.25 -21.10
CA ASP A 259 -11.79 4.80 -20.98
C ASP A 259 -10.46 4.33 -20.43
N ILE A 260 -10.51 3.25 -19.64
CA ILE A 260 -9.29 2.74 -19.02
C ILE A 260 -8.49 1.90 -20.00
N LYS A 261 -9.16 1.05 -20.79
CA LYS A 261 -8.46 0.24 -21.78
C LYS A 261 -7.76 1.10 -22.82
N THR A 262 -8.22 2.34 -23.02
CA THR A 262 -7.52 3.27 -23.90
C THR A 262 -6.26 3.82 -23.23
N VAL A 263 -6.36 4.17 -21.95
CA VAL A 263 -5.22 4.73 -21.21
C VAL A 263 -4.11 3.70 -21.11
N LYS A 264 -4.46 2.42 -20.93
CA LYS A 264 -3.45 1.38 -20.76
C LYS A 264 -2.57 1.28 -22.01
N ASP A 265 -3.19 1.15 -23.18
CA ASP A 265 -2.42 1.02 -24.42
C ASP A 265 -1.53 2.22 -24.69
N CYS A 266 -1.80 3.35 -24.02
CA CYS A 266 -0.88 4.48 -24.08
C CYS A 266 0.34 4.25 -23.20
N ILE A 267 0.12 3.66 -22.02
CA ILE A 267 1.22 3.41 -21.09
C ILE A 267 2.18 2.36 -21.67
N TYR A 268 1.63 1.37 -22.40
CA TYR A 268 2.48 0.38 -23.04
C TYR A 268 3.39 1.02 -24.08
N LYS A 269 2.89 2.02 -24.80
CA LYS A 269 3.70 2.67 -25.83
C LYS A 269 4.86 3.46 -25.22
N ILE A 270 4.66 4.02 -24.02
CA ILE A 270 5.74 4.75 -23.36
C ILE A 270 6.85 3.79 -22.94
N GLN A 271 6.48 2.67 -22.31
CA GLN A 271 7.48 1.70 -21.88
C GLN A 271 8.19 1.08 -23.09
N SER A 272 7.46 0.85 -24.18
CA SER A 272 8.08 0.24 -25.35
C SER A 272 9.12 1.16 -25.98
N ASN A 273 8.83 2.46 -26.05
CA ASN A 273 9.73 3.42 -26.66
C ASN A 273 10.77 3.96 -25.69
N TRP A 274 10.32 4.49 -24.55
CA TRP A 274 11.21 5.14 -23.59
C TRP A 274 11.59 4.19 -22.47
N SER A 275 12.34 3.14 -22.84
CA SER A 275 12.90 2.19 -21.90
C SER A 275 13.92 1.33 -22.64
N ASN A 276 14.91 0.85 -21.89
CA ASN A 276 15.83 -0.16 -22.41
C ASN A 276 16.24 -1.04 -21.22
N LEU A 277 15.47 -2.10 -20.98
CA LEU A 277 15.79 -3.09 -19.96
C LEU A 277 16.46 -4.31 -20.59
N SER A 278 17.57 -4.05 -21.28
CA SER A 278 18.26 -5.11 -22.01
C SER A 278 19.20 -5.88 -21.11
N LYS A 279 19.33 -7.19 -21.40
CA LYS A 279 20.28 -8.00 -20.66
C LYS A 279 21.71 -7.71 -21.08
N ARG A 280 21.91 -7.21 -22.30
CA ARG A 280 23.23 -6.91 -22.84
C ARG A 280 23.53 -5.42 -22.82
N THR A 281 23.01 -4.69 -21.84
CA THR A 281 23.31 -3.29 -21.65
C THR A 281 23.76 -3.07 -20.21
N ASP A 282 24.46 -1.96 -19.99
CA ASP A 282 24.96 -1.62 -18.66
C ASP A 282 24.38 -0.33 -18.09
N ARG A 283 23.64 0.44 -18.89
CA ARG A 283 23.02 1.68 -18.42
C ARG A 283 21.56 1.68 -18.86
N PRO A 284 20.67 1.13 -18.05
CA PRO A 284 19.25 1.04 -18.42
C PRO A 284 18.48 2.27 -17.94
N TYR A 285 17.22 2.35 -18.39
CA TYR A 285 16.34 3.42 -17.98
C TYR A 285 14.89 2.99 -18.16
N SER A 286 14.03 3.48 -17.27
CA SER A 286 12.60 3.24 -17.29
C SER A 286 11.89 4.53 -16.89
N PRO A 287 10.71 4.79 -17.44
CA PRO A 287 10.08 6.11 -17.27
C PRO A 287 9.19 6.19 -16.04
N PHE A 288 8.71 7.41 -15.78
CA PHE A 288 7.83 7.72 -14.66
C PHE A 288 6.51 8.28 -15.19
N LEU A 289 5.43 8.03 -14.46
CA LEU A 289 4.10 8.50 -14.84
C LEU A 289 3.48 9.29 -13.70
N LEU A 290 2.36 9.93 -13.99
CA LEU A 290 1.59 10.72 -13.02
C LEU A 290 0.25 11.07 -13.63
N PHE A 291 -0.80 11.07 -12.82
CA PHE A 291 -2.14 11.36 -13.29
C PHE A 291 -2.83 12.33 -12.33
N HIS A 292 -3.87 12.98 -12.84
CA HIS A 292 -4.65 13.93 -12.05
C HIS A 292 -6.01 14.10 -12.70
N GLY A 293 -6.93 14.72 -11.95
CA GLY A 293 -8.28 14.95 -12.42
C GLY A 293 -9.10 13.68 -12.54
N THR A 294 -9.14 12.90 -11.47
CA THR A 294 -9.87 11.64 -11.47
C THR A 294 -10.17 11.25 -10.03
N SER A 295 -10.76 10.08 -9.85
CA SER A 295 -11.06 9.54 -8.53
C SER A 295 -10.02 8.51 -8.15
N ASP A 296 -9.90 8.27 -6.84
CA ASP A 296 -8.89 7.35 -6.33
C ASP A 296 -9.14 5.93 -6.83
N ALA A 297 -10.39 5.47 -6.78
CA ALA A 297 -10.71 4.11 -7.19
C ALA A 297 -10.44 3.89 -8.67
N ASN A 298 -10.66 4.92 -9.51
CA ASN A 298 -10.36 4.79 -10.93
C ASN A 298 -8.86 4.61 -11.15
N LEU A 299 -8.04 5.33 -10.38
CA LEU A 299 -6.59 5.13 -10.46
C LEU A 299 -6.21 3.75 -9.92
N TYR A 300 -6.85 3.33 -8.83
CA TYR A 300 -6.53 2.03 -8.23
C TYR A 300 -6.92 0.89 -9.16
N GLU A 301 -8.14 0.95 -9.71
CA GLU A 301 -8.59 -0.09 -10.64
C GLU A 301 -7.70 -0.15 -11.87
N LEU A 302 -7.06 0.96 -12.23
CA LEU A 302 -6.13 0.96 -13.35
C LEU A 302 -4.85 0.21 -13.00
N LYS A 303 -4.34 0.41 -11.79
CA LYS A 303 -3.08 -0.23 -11.40
C LYS A 303 -3.21 -1.74 -11.38
N ASN A 304 -4.31 -2.26 -10.83
CA ASN A 304 -4.48 -3.69 -10.71
C ASN A 304 -4.45 -4.38 -12.08
N GLN A 305 -5.13 -3.80 -13.07
CA GLN A 305 -5.14 -4.39 -14.40
C GLN A 305 -3.73 -4.45 -14.98
N LEU A 306 -2.97 -3.36 -14.85
CA LEU A 306 -1.60 -3.35 -15.34
C LEU A 306 -0.74 -4.36 -14.58
N PHE A 307 -1.07 -4.64 -13.32
CA PHE A 307 -0.33 -5.64 -12.56
C PHE A 307 -0.78 -7.05 -12.90
N ASN A 308 -2.10 -7.27 -13.04
CA ASN A 308 -2.59 -8.58 -13.41
C ASN A 308 -2.18 -8.96 -14.84
N GLU A 309 -1.99 -7.97 -15.71
CA GLU A 309 -1.46 -8.20 -17.03
C GLU A 309 0.06 -8.42 -17.02
N ASP A 310 0.65 -8.51 -15.84
CA ASP A 310 2.08 -8.77 -15.67
C ASP A 310 2.94 -7.65 -16.27
N LEU A 311 2.51 -6.42 -16.06
CA LEU A 311 3.31 -5.23 -16.36
C LEU A 311 3.71 -4.63 -15.02
N ILE A 312 4.92 -4.96 -14.57
CA ILE A 312 5.35 -4.70 -13.21
C ILE A 312 5.81 -3.25 -13.08
N PHE A 313 5.51 -2.65 -11.93
CA PHE A 313 5.90 -1.27 -11.67
C PHE A 313 6.06 -1.08 -10.16
N THR A 314 6.39 0.14 -9.76
CA THR A 314 6.48 0.50 -8.35
C THR A 314 6.05 1.94 -8.18
N ASP A 315 5.41 2.23 -7.04
CA ASP A 315 4.92 3.57 -6.74
C ASP A 315 5.47 4.09 -5.42
N GLY A 316 6.54 3.48 -4.90
CA GLY A 316 7.11 3.90 -3.64
C GLY A 316 6.42 3.36 -2.41
N TYR A 317 5.38 2.54 -2.57
CA TYR A 317 4.64 1.94 -1.47
C TYR A 317 4.75 0.43 -1.58
N PRO A 318 5.85 -0.16 -1.10
CA PRO A 318 6.02 -1.62 -1.21
C PRO A 318 5.11 -2.44 -0.32
N PHE A 319 4.31 -1.81 0.53
CA PHE A 319 3.39 -2.52 1.42
C PHE A 319 2.42 -1.51 2.00
N LYS A 320 1.34 -2.03 2.60
CA LYS A 320 0.37 -1.16 3.24
C LYS A 320 0.95 -0.53 4.48
N GLY A 321 0.68 0.76 4.68
CA GLY A 321 1.27 1.51 5.76
C GLY A 321 2.66 2.03 5.50
N SER A 322 3.23 1.72 4.33
CA SER A 322 4.54 2.23 3.98
C SER A 322 4.49 3.72 3.70
N VAL A 323 5.39 4.47 4.33
CA VAL A 323 5.58 5.85 3.92
C VAL A 323 6.16 5.88 2.51
N PHE A 324 6.07 7.06 1.89
CA PHE A 324 6.48 7.17 0.49
C PHE A 324 8.00 7.03 0.42
N THR A 325 8.46 5.83 0.06
CA THR A 325 9.87 5.52 -0.04
C THR A 325 10.31 5.66 -1.50
N PRO A 326 11.01 6.74 -1.84
CA PRO A 326 11.36 6.97 -3.26
C PRO A 326 12.57 6.19 -3.74
N LYS A 327 13.41 5.67 -2.83
CA LYS A 327 14.63 5.00 -3.26
C LYS A 327 14.31 3.75 -4.09
N MET A 328 13.16 3.13 -3.87
CA MET A 328 12.76 2.00 -4.70
C MET A 328 12.45 2.45 -6.13
N LEU A 329 11.99 3.69 -6.31
CA LEU A 329 11.84 4.22 -7.66
C LEU A 329 13.19 4.37 -8.34
N ILE A 330 14.22 4.75 -7.58
CA ILE A 330 15.58 4.78 -8.13
C ILE A 330 16.03 3.36 -8.47
N GLU A 331 15.82 2.42 -7.56
CA GLU A 331 16.13 1.02 -7.84
C GLU A 331 15.28 0.50 -8.99
N GLY A 332 13.99 0.83 -9.00
CA GLY A 332 13.14 0.44 -10.11
C GLY A 332 13.55 1.08 -11.42
N PHE A 333 14.11 2.29 -11.35
CA PHE A 333 14.62 2.95 -12.55
C PHE A 333 15.77 2.16 -13.17
N SER A 334 16.55 1.46 -12.34
CA SER A 334 17.64 0.63 -12.82
C SER A 334 17.28 -0.85 -12.87
N ASN A 335 16.26 -1.28 -12.13
CA ASN A 335 15.84 -2.68 -12.17
C ASN A 335 15.18 -2.98 -13.50
N LYS A 336 15.40 -4.21 -14.00
CA LYS A 336 14.81 -4.66 -15.24
C LYS A 336 13.54 -5.46 -15.04
N GLU A 337 13.33 -6.03 -13.85
CA GLU A 337 12.04 -6.63 -13.52
C GLU A 337 10.96 -5.59 -13.23
N ILE A 338 11.31 -4.31 -13.28
CA ILE A 338 10.37 -3.21 -13.09
C ILE A 338 10.32 -2.45 -14.40
N HIS A 339 9.20 -2.58 -15.13
CA HIS A 339 9.11 -1.98 -16.46
C HIS A 339 9.07 -0.46 -16.39
N PHE A 340 8.34 0.09 -15.43
CA PHE A 340 8.19 1.53 -15.31
C PHE A 340 7.90 1.88 -13.86
N GLN A 341 7.79 3.18 -13.59
CA GLN A 341 7.55 3.68 -12.24
C GLN A 341 6.23 4.44 -12.21
N PHE A 342 5.61 4.48 -11.04
CA PHE A 342 4.33 5.14 -10.84
C PHE A 342 4.44 6.18 -9.74
N ILE A 343 3.68 7.26 -9.88
CA ILE A 343 3.62 8.33 -8.89
C ILE A 343 2.16 8.63 -8.61
N ASN A 344 1.72 8.39 -7.38
CA ASN A 344 0.30 8.43 -7.06
C ASN A 344 -0.24 9.86 -7.08
N ASP A 345 0.26 10.71 -6.19
CA ASP A 345 -0.28 12.05 -5.99
C ASP A 345 0.77 13.11 -6.35
N ILE A 346 0.41 14.37 -6.12
CA ILE A 346 1.26 15.50 -6.49
C ILE A 346 2.28 15.80 -5.40
N ASP A 347 1.88 15.75 -4.13
CA ASP A 347 2.82 16.01 -3.04
C ASP A 347 3.98 15.03 -3.06
N ASP A 348 3.71 13.78 -3.42
CA ASP A 348 4.77 12.79 -3.59
C ASP A 348 5.59 13.03 -4.85
N PHE A 349 5.12 13.86 -5.77
CA PHE A 349 5.86 14.11 -7.00
C PHE A 349 7.01 15.08 -6.77
N ASN A 350 6.76 16.19 -6.06
CA ASN A 350 7.83 17.12 -5.74
C ASN A 350 8.91 16.46 -4.91
N GLU A 351 8.51 15.63 -3.94
CA GLU A 351 9.47 14.91 -3.13
C GLU A 351 10.28 13.90 -3.94
N THR A 352 9.75 13.45 -5.08
CA THR A 352 10.48 12.54 -5.95
C THR A 352 11.58 13.26 -6.73
N LEU A 353 11.37 14.54 -7.04
CA LEU A 353 12.40 15.29 -7.77
C LEU A 353 13.61 15.59 -6.88
N ASN A 354 13.36 15.93 -5.61
CA ASN A 354 14.45 16.29 -4.71
C ASN A 354 15.40 15.13 -4.43
N SER A 355 14.95 13.89 -4.61
CA SER A 355 15.74 12.71 -4.30
C SER A 355 16.44 12.14 -5.52
N ILE A 356 16.55 12.90 -6.61
CA ILE A 356 17.17 12.45 -7.85
C ILE A 356 18.24 13.46 -8.24
N ASN A 357 19.40 12.95 -8.68
CA ASN A 357 20.54 13.78 -9.03
C ASN A 357 21.03 13.48 -10.44
N ILE A 358 20.12 13.31 -11.39
CA ILE A 358 20.43 13.17 -12.80
C ILE A 358 19.46 14.02 -13.60
N ARG A 359 19.63 13.99 -14.92
CA ARG A 359 18.80 14.80 -15.82
C ARG A 359 17.33 14.44 -15.64
N LYS A 360 16.48 15.48 -15.59
CA LYS A 360 15.05 15.33 -15.38
C LYS A 360 14.31 16.07 -16.48
N GLU A 361 13.44 15.36 -17.19
CA GLU A 361 12.60 15.95 -18.23
C GLU A 361 11.13 15.71 -17.88
N VAL A 362 10.27 16.58 -18.39
CA VAL A 362 8.84 16.51 -18.12
C VAL A 362 8.08 16.58 -19.44
N TYR A 363 7.15 15.65 -19.63
CA TYR A 363 6.29 15.61 -20.80
C TYR A 363 4.85 15.59 -20.29
N GLN A 364 4.26 16.78 -20.13
CA GLN A 364 2.92 16.90 -19.57
C GLN A 364 1.89 17.06 -20.69
N PHE A 365 0.75 16.38 -20.51
CA PHE A 365 -0.36 16.47 -21.43
C PHE A 365 -1.64 16.71 -20.62
N TYR A 366 -2.57 17.43 -21.24
CA TYR A 366 -3.81 17.80 -20.55
C TYR A 366 -4.87 18.13 -21.59
N THR A 367 -6.11 18.23 -21.11
CA THR A 367 -7.26 18.61 -21.94
C THR A 367 -7.85 19.94 -21.53
N GLU A 368 -8.21 20.09 -20.25
CA GLU A 368 -8.78 21.34 -19.74
C GLU A 368 -8.06 21.92 -18.54
N ASN A 369 -7.23 21.15 -17.84
CA ASN A 369 -6.52 21.64 -16.67
C ASN A 369 -5.08 21.14 -16.72
N CYS A 370 -4.13 22.07 -16.73
CA CYS A 370 -2.70 21.76 -16.73
C CYS A 370 -2.13 22.03 -15.35
N LEU A 371 -1.05 21.31 -15.02
CA LEU A 371 -0.40 21.42 -13.72
C LEU A 371 0.81 22.35 -13.82
N ASP A 372 0.86 23.35 -12.95
CA ASP A 372 2.01 24.23 -12.90
C ASP A 372 3.24 23.47 -12.41
N ILE A 373 4.36 23.71 -13.06
CA ILE A 373 5.59 22.96 -12.81
C ILE A 373 6.73 23.94 -12.56
N PRO A 374 7.63 23.65 -11.61
CA PRO A 374 8.79 24.53 -11.38
C PRO A 374 9.52 24.86 -12.67
N SER A 375 9.87 26.13 -12.82
CA SER A 375 10.45 26.64 -14.06
C SER A 375 11.83 26.11 -14.36
N GLN A 376 12.47 25.42 -13.41
CA GLN A 376 13.86 25.02 -13.60
C GLN A 376 13.99 23.86 -14.58
N LEU A 377 13.02 22.94 -14.59
CA LEU A 377 13.16 21.71 -15.36
C LEU A 377 12.73 21.92 -16.80
N PRO A 378 13.34 21.18 -17.74
CA PRO A 378 12.91 21.28 -19.15
C PRO A 378 11.54 20.68 -19.37
N GLN A 379 10.50 21.37 -18.90
CA GLN A 379 9.15 20.88 -19.00
C GLN A 379 8.56 21.12 -20.38
N VAL A 380 7.64 20.25 -20.78
CA VAL A 380 6.94 20.35 -22.06
C VAL A 380 5.46 20.13 -21.76
N ASN A 381 4.67 21.19 -21.85
CA ASN A 381 3.23 21.15 -21.63
C ASN A 381 2.52 21.22 -22.98
N ILE A 382 1.55 20.34 -23.19
CA ILE A 382 0.91 20.19 -24.50
C ILE A 382 -0.59 19.98 -24.30
N GLN A 383 -1.39 20.74 -25.04
CA GLN A 383 -2.85 20.63 -25.00
C GLN A 383 -3.34 19.83 -26.19
N VAL A 384 -4.37 19.02 -25.97
CA VAL A 384 -4.96 18.17 -27.01
C VAL A 384 -6.48 18.13 -26.82
N LYS A 385 -7.16 17.54 -27.80
CA LYS A 385 -8.60 17.36 -27.74
C LYS A 385 -8.98 16.06 -27.04
N ASP A 386 -8.44 14.94 -27.50
CA ASP A 386 -8.76 13.63 -26.95
C ASP A 386 -7.50 12.96 -26.42
N PHE A 387 -7.69 12.05 -25.47
CA PHE A 387 -6.56 11.32 -24.89
C PHE A 387 -5.89 10.42 -25.92
N ALA A 388 -6.68 9.83 -26.82
CA ALA A 388 -6.16 8.82 -27.74
C ALA A 388 -5.11 9.35 -28.71
N ASP A 389 -4.93 10.66 -28.78
CA ASP A 389 -3.94 11.25 -29.68
C ASP A 389 -2.52 11.19 -29.14
N ILE A 390 -2.34 10.83 -27.87
CA ILE A 390 -1.03 10.86 -27.26
C ILE A 390 -0.19 9.67 -27.70
N LYS A 391 -0.81 8.52 -27.96
CA LYS A 391 -0.07 7.33 -28.38
C LYS A 391 0.75 7.60 -29.63
N GLU A 392 0.23 8.42 -30.54
CA GLU A 392 0.88 8.70 -31.81
C GLU A 392 1.93 9.82 -31.70
N ILE A 393 2.38 10.16 -30.49
CA ILE A 393 3.41 11.17 -30.32
C ILE A 393 4.66 10.53 -29.72
N VAL A 394 4.46 9.51 -28.90
CA VAL A 394 5.55 8.96 -28.11
C VAL A 394 6.08 7.67 -28.72
N SER B 4 14.86 -23.75 50.32
CA SER B 4 14.30 -25.06 50.67
C SER B 4 12.81 -24.98 50.94
N ALA B 5 12.22 -23.83 50.61
CA ALA B 5 10.77 -23.66 50.70
C ALA B 5 10.04 -24.33 49.55
N VAL B 6 10.76 -25.04 48.68
CA VAL B 6 10.13 -25.75 47.57
C VAL B 6 9.21 -26.86 48.11
N ASP B 7 9.49 -27.36 49.31
CA ASP B 7 8.62 -28.34 49.94
C ASP B 7 7.18 -27.85 50.04
N THR B 8 6.99 -26.52 50.11
CA THR B 8 5.66 -25.96 50.00
C THR B 8 5.11 -26.12 48.59
N ILE B 9 5.86 -25.61 47.60
CA ILE B 9 5.46 -25.76 46.20
C ILE B 9 5.38 -27.23 45.83
N ARG B 10 6.49 -27.96 46.01
CA ARG B 10 6.48 -29.39 45.75
C ARG B 10 5.70 -30.08 46.86
N GLY B 11 4.41 -30.29 46.63
CA GLY B 11 3.50 -30.83 47.62
C GLY B 11 2.17 -30.13 47.58
N TYR B 12 2.18 -28.83 47.29
CA TYR B 12 0.95 -28.19 46.84
C TYR B 12 0.46 -28.83 45.55
N CYS B 13 1.38 -29.30 44.71
CA CYS B 13 1.01 -30.08 43.54
C CYS B 13 0.46 -31.44 43.94
N TYR B 14 1.10 -32.10 44.90
CA TYR B 14 0.69 -33.43 45.31
C TYR B 14 -0.78 -33.47 45.70
N GLN B 15 -1.25 -32.44 46.40
CA GLN B 15 -2.67 -32.36 46.75
C GLN B 15 -3.52 -32.20 45.49
N VAL B 16 -3.08 -31.34 44.57
CA VAL B 16 -3.83 -31.14 43.33
C VAL B 16 -3.83 -32.42 42.49
N ASP B 17 -2.65 -33.05 42.35
CA ASP B 17 -2.57 -34.31 41.63
C ASP B 17 -3.48 -35.36 42.26
N LYS B 18 -3.38 -35.55 43.58
CA LYS B 18 -4.30 -36.44 44.27
C LYS B 18 -5.74 -36.03 44.07
N THR B 19 -6.01 -34.72 44.10
CA THR B 19 -7.35 -34.23 43.78
C THR B 19 -7.71 -34.52 42.33
N ILE B 20 -6.72 -34.48 41.43
CA ILE B 20 -6.98 -34.78 40.02
C ILE B 20 -7.16 -36.29 39.82
N ILE B 21 -6.36 -37.10 40.52
CA ILE B 21 -6.47 -38.55 40.39
C ILE B 21 -7.86 -39.02 40.82
N GLU B 22 -8.38 -38.48 41.93
CA GLU B 22 -9.69 -38.89 42.43
C GLU B 22 -10.82 -38.49 41.51
N ILE B 23 -10.59 -37.59 40.56
CA ILE B 23 -11.64 -37.20 39.62
C ILE B 23 -11.75 -38.21 38.49
N PHE B 24 -10.64 -38.46 37.79
CA PHE B 24 -10.66 -39.37 36.66
C PHE B 24 -10.93 -40.81 37.10
N SER B 25 -10.55 -41.17 38.32
CA SER B 25 -10.84 -42.51 38.82
C SER B 25 -12.35 -42.73 38.94
N LEU B 26 -13.09 -41.68 39.30
CA LEU B 26 -14.54 -41.73 39.39
C LEU B 26 -15.14 -42.01 38.02
N PRO B 27 -15.77 -43.17 37.82
CA PRO B 27 -16.36 -43.50 36.53
C PRO B 27 -17.79 -43.05 36.33
N GLN B 28 -18.32 -42.19 37.22
CA GLN B 28 -19.73 -41.84 37.15
C GLN B 28 -20.03 -40.93 35.98
N MET B 29 -19.10 -40.06 35.60
CA MET B 29 -19.32 -39.06 34.56
C MET B 29 -20.53 -38.19 34.88
N ASP B 30 -20.64 -37.78 36.13
CA ASP B 30 -21.80 -37.02 36.60
C ASP B 30 -21.34 -36.07 37.70
N ASP B 31 -22.30 -35.58 38.50
CA ASP B 31 -22.07 -34.42 39.34
C ASP B 31 -21.19 -34.74 40.55
N SER B 32 -21.57 -35.75 41.33
CA SER B 32 -21.18 -35.84 42.73
C SER B 32 -19.69 -36.08 42.89
N ILE B 33 -18.95 -35.01 43.20
CA ILE B 33 -17.62 -35.08 43.78
C ILE B 33 -17.31 -33.72 44.40
N ASP B 34 -16.82 -33.71 45.64
CA ASP B 34 -16.58 -32.48 46.37
C ASP B 34 -15.10 -32.37 46.75
N ILE B 35 -14.61 -31.13 46.79
CA ILE B 35 -13.20 -30.84 46.97
C ILE B 35 -13.01 -30.02 48.24
N GLU B 36 -11.99 -30.37 49.01
CA GLU B 36 -11.54 -29.54 50.13
C GLU B 36 -10.87 -28.29 49.57
N CYS B 37 -11.40 -27.11 49.91
CA CYS B 37 -11.27 -25.93 49.07
C CYS B 37 -10.14 -24.99 49.47
N ILE B 38 -10.17 -24.45 50.69
CA ILE B 38 -9.48 -23.21 51.01
C ILE B 38 -7.97 -23.32 50.83
N GLU B 39 -7.43 -22.61 49.84
CA GLU B 39 -5.98 -22.47 49.67
C GLU B 39 -5.53 -21.03 49.86
N ASP B 40 -6.03 -20.10 49.05
CA ASP B 40 -5.73 -18.66 49.14
C ASP B 40 -4.23 -18.41 49.30
N VAL B 41 -3.48 -18.78 48.26
CA VAL B 41 -2.02 -18.71 48.37
C VAL B 41 -1.47 -17.37 47.89
N ASP B 42 -2.06 -16.76 46.85
CA ASP B 42 -1.60 -15.48 46.30
C ASP B 42 -0.13 -15.59 45.89
N VAL B 43 0.08 -16.36 44.82
CA VAL B 43 1.34 -17.03 44.51
C VAL B 43 2.34 -16.07 43.89
N TYR B 44 2.05 -14.76 43.94
CA TYR B 44 3.05 -13.76 43.56
C TYR B 44 4.38 -14.02 44.27
N ASN B 45 4.33 -14.30 45.58
CA ASN B 45 5.51 -14.65 46.35
C ASN B 45 5.42 -16.05 46.93
N ASP B 46 4.35 -16.37 47.65
CA ASP B 46 3.99 -17.71 48.09
C ASP B 46 5.03 -18.34 49.02
N GLY B 47 6.05 -17.58 49.40
CA GLY B 47 7.16 -18.13 50.14
C GLY B 47 6.84 -18.57 51.55
N HIS B 48 6.44 -17.63 52.40
CA HIS B 48 6.31 -17.91 53.82
C HIS B 48 5.08 -18.76 54.14
N LEU B 49 4.02 -18.65 53.33
CA LEU B 49 2.76 -19.30 53.63
C LEU B 49 2.86 -20.79 53.33
N THR B 50 2.66 -21.62 54.36
CA THR B 50 2.78 -23.08 54.25
C THR B 50 1.51 -23.72 54.80
N ALA B 51 0.54 -23.97 53.91
CA ALA B 51 -0.63 -24.76 54.27
C ALA B 51 -0.53 -26.21 53.81
N ILE B 52 0.38 -26.51 52.89
CA ILE B 52 0.58 -27.84 52.36
C ILE B 52 2.08 -28.06 52.16
N GLN B 53 2.58 -29.22 52.59
CA GLN B 53 4.00 -29.52 52.46
C GLN B 53 4.17 -31.01 52.20
N CYS B 54 5.30 -31.36 51.59
CA CYS B 54 5.57 -32.75 51.23
C CYS B 54 7.08 -32.97 51.24
N LYS B 55 7.53 -33.89 52.10
CA LYS B 55 8.95 -34.21 52.23
C LYS B 55 9.23 -35.57 51.61
N TYR B 56 10.39 -35.69 50.96
CA TYR B 56 10.86 -36.96 50.40
C TYR B 56 12.29 -37.16 50.88
N TYR B 57 12.44 -37.75 52.06
CA TYR B 57 13.75 -38.13 52.58
C TYR B 57 13.97 -39.63 52.31
N GLU B 58 14.13 -39.95 51.03
CA GLU B 58 14.62 -41.27 50.69
C GLU B 58 16.08 -41.40 51.12
N SER B 59 16.51 -42.65 51.34
CA SER B 59 17.75 -42.97 52.05
C SER B 59 17.80 -42.35 53.44
N THR B 60 16.64 -42.01 53.98
CA THR B 60 16.50 -41.44 55.31
C THR B 60 15.22 -42.00 55.92
N ASP B 61 15.11 -41.90 57.24
CA ASP B 61 14.03 -42.53 57.98
C ASP B 61 13.10 -41.46 58.56
N TYR B 62 11.81 -41.80 58.68
CA TYR B 62 10.93 -40.84 59.32
C TYR B 62 11.35 -40.72 60.78
N ASN B 63 11.98 -39.60 61.12
CA ASN B 63 12.14 -39.21 62.50
C ASN B 63 10.97 -38.30 62.85
N HIS B 64 11.02 -37.66 63.99
CA HIS B 64 10.04 -36.63 64.30
C HIS B 64 10.66 -35.25 64.35
N SER B 65 11.99 -35.14 64.39
CA SER B 65 12.64 -33.85 64.30
C SER B 65 12.53 -33.24 62.90
N VAL B 66 12.16 -34.03 61.91
CA VAL B 66 12.08 -33.54 60.53
C VAL B 66 10.76 -32.84 60.25
N ILE B 67 9.64 -33.45 60.67
CA ILE B 67 8.33 -32.86 60.45
C ILE B 67 7.80 -32.16 61.71
N SER B 68 8.65 -31.96 62.72
CA SER B 68 8.19 -31.30 63.94
C SER B 68 7.82 -29.85 63.67
N LYS B 69 8.75 -29.08 63.08
CA LYS B 69 8.47 -27.66 62.85
C LYS B 69 7.40 -27.44 61.78
N PRO B 70 7.42 -28.12 60.63
CA PRO B 70 6.32 -27.93 59.66
C PRO B 70 4.94 -28.14 60.27
N ILE B 71 4.80 -29.05 61.23
CA ILE B 71 3.54 -29.19 61.94
C ILE B 71 3.32 -28.00 62.87
N ARG B 72 4.39 -27.52 63.51
CA ARG B 72 4.25 -26.41 64.44
C ARG B 72 3.87 -25.12 63.71
N LEU B 73 4.49 -24.86 62.55
CA LEU B 73 4.13 -23.69 61.77
C LEU B 73 2.67 -23.75 61.32
N MET B 74 2.13 -24.96 61.18
CA MET B 74 0.71 -25.09 60.87
C MET B 74 -0.15 -24.72 62.08
N LEU B 75 0.31 -25.07 63.28
CA LEU B 75 -0.44 -24.74 64.48
C LEU B 75 -0.47 -23.24 64.73
N SER B 76 0.64 -22.55 64.43
CA SER B 76 0.63 -21.09 64.48
C SER B 76 -0.38 -20.52 63.50
N HIS B 77 -0.42 -21.08 62.28
CA HIS B 77 -1.42 -20.70 61.30
C HIS B 77 -2.83 -21.14 61.70
N PHE B 78 -2.96 -21.99 62.70
CA PHE B 78 -4.26 -22.44 63.20
C PHE B 78 -4.67 -21.75 64.51
N LYS B 79 -3.70 -21.29 65.29
CA LYS B 79 -4.00 -20.63 66.57
C LYS B 79 -4.93 -19.44 66.36
N ASP B 80 -4.54 -18.51 65.49
CA ASP B 80 -5.35 -17.30 65.28
C ASP B 80 -6.45 -17.53 64.24
N ASN B 81 -6.23 -18.45 63.30
CA ASN B 81 -7.21 -18.78 62.28
C ASN B 81 -8.10 -19.96 62.67
N LYS B 82 -8.39 -20.09 63.96
CA LYS B 82 -9.14 -21.22 64.51
C LYS B 82 -10.49 -21.42 63.83
N GLU B 83 -11.01 -20.42 63.13
CA GLU B 83 -12.33 -20.48 62.53
C GLU B 83 -12.32 -20.64 61.02
N LYS B 84 -11.15 -20.81 60.39
CA LYS B 84 -11.10 -20.89 58.95
C LYS B 84 -11.75 -22.16 58.41
N GLY B 85 -11.78 -23.23 59.19
CA GLY B 85 -12.40 -24.47 58.76
C GLY B 85 -11.70 -25.14 57.60
N ALA B 86 -10.40 -24.92 57.46
CA ALA B 86 -9.62 -25.50 56.37
C ALA B 86 -8.82 -26.70 56.88
N ASN B 87 -8.27 -27.46 55.93
CA ASN B 87 -7.51 -28.66 56.22
C ASN B 87 -6.03 -28.42 55.98
N TYR B 88 -5.20 -29.13 56.73
CA TYR B 88 -3.75 -29.08 56.60
C TYR B 88 -3.24 -30.43 56.11
N TYR B 89 -2.31 -30.39 55.15
CA TYR B 89 -1.84 -31.59 54.48
C TYR B 89 -0.34 -31.75 54.67
N LEU B 90 0.10 -32.99 54.81
CA LEU B 90 1.51 -33.32 54.88
C LEU B 90 1.70 -34.74 54.40
N TYR B 91 2.42 -34.91 53.31
CA TYR B 91 2.68 -36.22 52.72
C TYR B 91 4.17 -36.51 52.76
N GLY B 92 4.52 -37.80 52.80
CA GLY B 92 5.91 -38.19 52.90
C GLY B 92 6.18 -39.46 52.12
N HIS B 93 7.47 -39.68 51.85
CA HIS B 93 7.91 -40.88 51.14
C HIS B 93 9.34 -41.17 51.57
N TYR B 94 9.50 -42.11 52.50
CA TYR B 94 10.78 -42.49 53.06
C TYR B 94 11.09 -43.94 52.70
N LYS B 95 12.23 -44.42 53.19
CA LYS B 95 12.59 -45.83 53.03
C LYS B 95 12.25 -46.68 54.24
N SER B 96 12.33 -46.10 55.45
CA SER B 96 12.01 -46.82 56.68
C SER B 96 11.63 -45.79 57.73
N GLY B 97 11.27 -46.28 58.92
CA GLY B 97 10.91 -45.42 60.01
C GLY B 97 9.46 -44.99 60.06
N GLN B 98 8.66 -45.36 59.06
CA GLN B 98 7.25 -44.99 59.09
C GLN B 98 6.51 -45.70 60.21
N GLU B 99 7.02 -46.86 60.65
CA GLU B 99 6.41 -47.59 61.76
C GLU B 99 6.45 -46.79 63.05
N LYS B 100 7.35 -45.80 63.16
CA LYS B 100 7.44 -45.01 64.38
C LYS B 100 6.19 -44.18 64.63
N LEU B 101 5.48 -43.79 63.57
CA LEU B 101 4.24 -43.05 63.72
C LEU B 101 3.16 -43.91 64.37
N THR B 102 2.14 -43.25 64.90
CA THR B 102 1.03 -43.91 65.60
C THR B 102 -0.27 -43.36 65.06
N LEU B 103 -0.84 -44.04 64.06
CA LEU B 103 -2.16 -43.65 63.57
C LEU B 103 -3.22 -44.54 64.18
N PRO B 104 -4.35 -43.99 64.67
CA PRO B 104 -4.70 -42.58 64.62
C PRO B 104 -3.88 -41.72 65.59
N LEU B 105 -3.46 -40.55 65.12
CA LEU B 105 -2.62 -39.67 65.92
C LEU B 105 -3.39 -39.17 67.13
N LYS B 106 -2.92 -39.54 68.32
CA LYS B 106 -3.54 -39.13 69.57
C LYS B 106 -2.82 -37.92 70.14
N VAL B 107 -3.43 -37.32 71.17
CA VAL B 107 -2.93 -36.08 71.74
C VAL B 107 -1.61 -36.32 72.47
N ASP B 108 -1.52 -37.42 73.22
CA ASP B 108 -0.30 -37.72 73.97
C ASP B 108 0.91 -37.83 73.05
N PHE B 109 0.75 -38.58 71.95
CA PHE B 109 1.85 -38.69 71.00
C PHE B 109 2.14 -37.36 70.30
N PHE B 110 1.13 -36.49 70.20
CA PHE B 110 1.35 -35.20 69.59
C PHE B 110 2.24 -34.31 70.47
N LYS B 111 1.99 -34.31 71.78
CA LYS B 111 2.75 -33.45 72.68
C LYS B 111 4.24 -33.80 72.70
N SER B 112 4.58 -34.99 73.19
CA SER B 112 5.99 -35.34 73.37
C SER B 112 6.56 -36.08 72.17
N ASN B 113 6.31 -35.58 70.97
CA ASN B 113 7.07 -35.97 69.79
C ASN B 113 7.48 -34.77 68.95
N PHE B 114 6.62 -33.77 68.84
CA PHE B 114 6.86 -32.56 68.07
C PHE B 114 6.76 -31.29 68.90
N LEU B 115 5.79 -31.23 69.82
CA LEU B 115 5.60 -30.03 70.63
C LEU B 115 6.61 -29.94 71.77
N THR B 116 7.00 -31.09 72.34
CA THR B 116 8.03 -31.11 73.37
C THR B 116 9.41 -31.17 72.72
N TYR B 117 9.73 -30.11 72.00
CA TYR B 117 10.96 -30.02 71.23
C TYR B 117 12.02 -29.24 71.99
N THR B 118 13.24 -29.26 71.46
CA THR B 118 14.39 -28.61 72.08
C THR B 118 15.05 -27.69 71.06
N GLU B 119 15.41 -26.50 71.50
CA GLU B 119 16.03 -25.50 70.63
C GLU B 119 16.96 -24.62 71.45
N LYS B 120 18.21 -24.52 71.01
CA LYS B 120 19.23 -23.71 71.69
C LYS B 120 19.43 -24.17 73.13
N LYS B 121 19.47 -25.49 73.32
CA LYS B 121 19.62 -26.10 74.64
C LYS B 121 18.48 -25.70 75.58
N ILE B 122 17.33 -25.34 75.02
CA ILE B 122 16.14 -24.99 75.80
C ILE B 122 15.04 -25.99 75.47
N LYS B 123 14.41 -26.54 76.50
CA LYS B 123 13.29 -27.44 76.30
C LYS B 123 12.01 -26.63 76.10
N HIS B 124 11.29 -26.91 75.01
CA HIS B 124 10.08 -26.19 74.68
C HIS B 124 8.88 -27.12 74.72
N GLU B 125 7.72 -26.54 75.04
CA GLU B 125 6.42 -27.23 74.94
C GLU B 125 5.47 -26.24 74.28
N TYR B 126 5.35 -26.33 72.95
CA TYR B 126 4.62 -25.34 72.19
C TYR B 126 3.17 -25.21 72.66
N HIS B 127 2.58 -26.30 73.15
CA HIS B 127 1.20 -26.24 73.61
C HIS B 127 1.09 -25.47 74.92
N ILE B 128 1.92 -25.81 75.91
CA ILE B 128 1.86 -25.12 77.20
C ILE B 128 2.38 -23.70 77.08
N GLU B 129 3.39 -23.49 76.23
CA GLU B 129 3.92 -22.14 76.02
C GLU B 129 2.83 -21.19 75.52
N ASN B 130 2.20 -21.54 74.40
CA ASN B 130 1.19 -20.69 73.80
C ASN B 130 -0.19 -20.85 74.44
N GLY B 131 -0.27 -21.53 75.59
CA GLY B 131 -1.51 -21.64 76.33
C GLY B 131 -2.64 -22.28 75.54
N LEU B 132 -2.51 -23.55 75.23
CA LEU B 132 -3.51 -24.28 74.44
C LEU B 132 -4.01 -25.49 75.23
N THR B 133 -5.13 -26.04 74.77
CA THR B 133 -5.74 -27.20 75.39
C THR B 133 -5.99 -28.25 74.32
N GLU B 134 -6.14 -29.50 74.77
CA GLU B 134 -6.39 -30.60 73.85
C GLU B 134 -7.66 -30.38 73.04
N GLU B 135 -8.65 -29.70 73.63
CA GLU B 135 -9.86 -29.37 72.87
C GLU B 135 -9.53 -28.53 71.63
N ASP B 136 -8.51 -27.68 71.72
CA ASP B 136 -8.00 -26.98 70.55
C ASP B 136 -6.96 -27.79 69.80
N LEU B 137 -6.21 -28.65 70.51
CA LEU B 137 -5.21 -29.48 69.85
C LEU B 137 -5.87 -30.59 69.05
N GLN B 138 -6.85 -31.28 69.65
CA GLN B 138 -7.56 -32.32 68.92
C GLN B 138 -8.28 -31.76 67.70
N ALA B 139 -8.82 -30.54 67.82
CA ALA B 139 -9.45 -29.89 66.67
C ALA B 139 -8.46 -29.69 65.54
N PHE B 140 -7.18 -29.44 65.86
CA PHE B 140 -6.16 -29.33 64.82
C PHE B 140 -5.87 -30.69 64.20
N LEU B 141 -5.69 -31.73 65.04
CA LEU B 141 -5.48 -33.07 64.51
C LEU B 141 -6.67 -33.55 63.69
N ASP B 142 -7.88 -33.08 64.02
CA ASP B 142 -9.06 -33.42 63.24
C ASP B 142 -8.98 -32.88 61.82
N ARG B 143 -8.20 -31.83 61.59
CA ARG B 143 -8.03 -31.24 60.27
C ARG B 143 -6.64 -31.47 59.69
N LEU B 144 -5.87 -32.38 60.26
CA LEU B 144 -4.50 -32.64 59.83
C LEU B 144 -4.44 -33.95 59.05
N VAL B 145 -3.68 -33.93 57.95
CA VAL B 145 -3.53 -35.08 57.07
C VAL B 145 -2.05 -35.42 56.99
N ILE B 146 -1.67 -36.55 57.59
CA ILE B 146 -0.29 -37.03 57.57
C ILE B 146 -0.28 -38.45 57.03
N ASN B 147 0.42 -38.66 55.91
CA ASN B 147 0.61 -39.99 55.33
C ASN B 147 2.07 -40.07 54.86
N ILE B 148 2.94 -40.55 55.74
CA ILE B 148 4.33 -40.76 55.35
C ILE B 148 4.50 -41.99 54.48
N ASN B 149 3.48 -42.83 54.39
CA ASN B 149 3.45 -43.95 53.46
C ASN B 149 2.73 -43.57 52.17
N ALA B 150 3.21 -42.52 51.53
CA ALA B 150 2.60 -41.99 50.32
C ALA B 150 3.48 -42.27 49.11
N LYS B 151 2.92 -42.01 47.93
CA LYS B 151 3.63 -42.25 46.69
C LYS B 151 4.76 -41.23 46.52
N SER B 152 5.73 -41.59 45.69
CA SER B 152 6.80 -40.67 45.35
C SER B 152 6.26 -39.50 44.54
N PHE B 153 7.03 -38.41 44.53
CA PHE B 153 6.64 -37.24 43.73
C PHE B 153 6.63 -37.57 42.25
N ASP B 154 7.71 -38.20 41.76
CA ASP B 154 7.78 -38.55 40.35
C ASP B 154 6.84 -39.70 40.02
N ASP B 155 6.80 -40.73 40.87
CA ASP B 155 5.92 -41.87 40.61
C ASP B 155 4.46 -41.44 40.58
N GLN B 156 4.07 -40.49 41.45
CA GLN B 156 2.71 -39.97 41.39
C GLN B 156 2.52 -39.08 40.17
N LYS B 157 3.58 -38.36 39.76
CA LYS B 157 3.50 -37.54 38.56
C LYS B 157 3.38 -38.41 37.31
N LYS B 158 4.18 -39.48 37.23
CA LYS B 158 4.05 -40.43 36.14
C LYS B 158 2.66 -41.08 36.15
N GLU B 159 2.21 -41.49 37.35
CA GLU B 159 0.92 -42.15 37.46
C GLU B 159 -0.21 -41.22 37.02
N THR B 160 -0.15 -39.95 37.39
CA THR B 160 -1.19 -39.00 37.02
C THR B 160 -1.24 -38.80 35.51
N ILE B 161 -0.09 -38.88 34.84
CA ILE B 161 -0.08 -38.71 33.38
C ILE B 161 -0.76 -39.89 32.70
N GLN B 162 -0.46 -41.12 33.14
CA GLN B 162 -1.05 -42.30 32.52
C GLN B 162 -2.56 -42.31 32.66
N ILE B 163 -3.09 -41.70 33.74
CA ILE B 163 -4.54 -41.63 33.89
C ILE B 163 -5.15 -40.75 32.80
N ILE B 164 -4.39 -39.76 32.33
CA ILE B 164 -4.92 -38.84 31.32
C ILE B 164 -4.76 -39.42 29.92
N LYS B 165 -3.60 -40.02 29.62
CA LYS B 165 -3.37 -40.60 28.31
C LYS B 165 -4.39 -41.68 27.98
N ASN B 166 -4.86 -42.40 28.99
CA ASN B 166 -5.89 -43.43 28.75
C ASN B 166 -7.20 -42.80 28.30
N HIS B 167 -7.61 -41.71 28.96
CA HIS B 167 -8.90 -41.10 28.64
C HIS B 167 -8.89 -40.42 27.28
N PHE B 168 -7.73 -39.94 26.82
CA PHE B 168 -7.64 -39.21 25.56
C PHE B 168 -6.97 -39.99 24.45
N GLN B 169 -6.27 -41.08 24.77
CA GLN B 169 -5.52 -41.85 23.77
C GLN B 169 -4.53 -40.97 23.02
N CYS B 170 -3.96 -39.99 23.70
CA CYS B 170 -3.10 -38.99 23.09
C CYS B 170 -1.65 -39.50 23.04
N GLU B 171 -0.73 -38.61 22.69
CA GLU B 171 0.68 -38.92 22.60
C GLU B 171 1.38 -38.53 23.89
N ASP B 172 2.64 -38.95 24.01
CA ASP B 172 3.42 -38.67 25.22
C ASP B 172 3.59 -37.17 25.43
N TYR B 173 4.11 -36.47 24.42
CA TYR B 173 4.26 -35.02 24.53
C TYR B 173 2.92 -34.32 24.66
N GLU B 174 1.86 -34.92 24.14
CA GLU B 174 0.53 -34.33 24.17
C GLU B 174 -0.15 -34.45 25.52
N ALA B 175 0.49 -35.07 26.51
CA ALA B 175 -0.10 -35.27 27.82
C ALA B 175 0.66 -34.58 28.93
N GLU B 176 1.98 -34.72 28.96
CA GLU B 176 2.76 -34.17 30.07
C GLU B 176 2.78 -32.65 30.05
N HIS B 177 2.85 -32.05 28.86
CA HIS B 177 3.01 -30.62 28.73
C HIS B 177 1.74 -29.91 28.24
N TYR B 178 0.70 -30.66 27.91
CA TYR B 178 -0.56 -30.07 27.44
C TYR B 178 -1.70 -30.33 28.41
N LEU B 179 -1.99 -31.58 28.73
CA LEU B 179 -3.19 -31.90 29.50
C LEU B 179 -2.95 -31.77 31.00
N TYR B 180 -1.80 -32.24 31.49
CA TYR B 180 -1.48 -32.12 32.91
C TYR B 180 -1.44 -30.66 33.35
N SER B 181 -0.84 -29.80 32.53
CA SER B 181 -0.66 -28.40 32.92
C SER B 181 -2.01 -27.69 33.01
N ASN B 182 -2.86 -27.84 32.00
CA ASN B 182 -4.16 -27.16 32.01
C ASN B 182 -5.08 -27.74 33.09
N ALA B 183 -4.97 -29.03 33.37
CA ALA B 183 -5.75 -29.61 34.47
C ALA B 183 -5.27 -29.12 35.83
N PHE B 184 -4.06 -28.59 35.91
CA PHE B 184 -3.53 -28.11 37.19
C PHE B 184 -4.16 -26.77 37.56
N ARG B 185 -3.95 -25.74 36.73
CA ARG B 185 -4.50 -24.43 37.05
C ARG B 185 -6.02 -24.42 37.04
N LYS B 186 -6.64 -25.39 36.37
CA LYS B 186 -8.08 -25.56 36.47
C LYS B 186 -8.48 -26.04 37.86
N THR B 187 -7.80 -27.07 38.36
CA THR B 187 -8.11 -27.60 39.68
C THR B 187 -7.78 -26.58 40.77
N TYR B 188 -6.61 -25.96 40.69
CA TYR B 188 -6.22 -24.96 41.69
C TYR B 188 -7.24 -23.83 41.76
N ASP B 189 -7.62 -23.27 40.61
CA ASP B 189 -8.58 -22.18 40.59
C ASP B 189 -9.94 -22.62 41.11
N ILE B 190 -10.34 -23.86 40.80
CA ILE B 190 -11.60 -24.38 41.31
C ILE B 190 -11.51 -24.65 42.80
N SER B 191 -10.43 -25.29 43.24
CA SER B 191 -10.27 -25.58 44.66
C SER B 191 -10.21 -24.29 45.48
N CYS B 192 -9.42 -23.31 45.03
CA CYS B 192 -9.32 -22.05 45.74
C CYS B 192 -10.67 -21.37 45.87
N ASN B 193 -11.44 -21.35 44.79
CA ASN B 193 -12.76 -20.73 44.82
C ASN B 193 -13.68 -21.44 45.81
N LYS B 194 -14.52 -20.66 46.48
CA LYS B 194 -15.40 -21.15 47.52
C LYS B 194 -16.87 -20.89 47.19
N LYS B 195 -17.21 -20.93 45.90
CA LYS B 195 -18.57 -20.72 45.42
C LYS B 195 -19.42 -21.97 45.49
N ASP B 196 -19.04 -22.95 46.30
CA ASP B 196 -19.71 -24.25 46.38
C ASP B 196 -19.75 -24.91 45.00
N ARG B 197 -18.61 -24.85 44.30
CA ARG B 197 -18.51 -25.40 42.94
C ARG B 197 -18.11 -26.87 43.04
N ARG B 198 -19.11 -27.75 42.99
CA ARG B 198 -18.86 -29.18 42.93
C ARG B 198 -18.54 -29.55 41.49
N ILE B 199 -17.32 -30.03 41.25
CA ILE B 199 -16.85 -30.29 39.90
C ILE B 199 -17.60 -31.47 39.30
N LYS B 200 -17.77 -31.45 37.98
CA LYS B 200 -18.40 -32.52 37.24
C LYS B 200 -17.38 -33.12 36.28
N LYS B 201 -17.36 -34.46 36.20
CA LYS B 201 -16.32 -35.14 35.44
C LYS B 201 -16.36 -34.76 33.97
N SER B 202 -17.54 -34.86 33.34
CA SER B 202 -17.66 -34.54 31.93
C SER B 202 -17.32 -33.08 31.65
N ASP B 203 -17.86 -32.18 32.47
CA ASP B 203 -17.60 -30.75 32.27
C ASP B 203 -16.12 -30.42 32.45
N PHE B 204 -15.47 -31.07 33.40
CA PHE B 204 -14.05 -30.79 33.66
C PHE B 204 -13.18 -31.26 32.51
N VAL B 205 -13.51 -32.41 31.92
CA VAL B 205 -12.68 -32.96 30.85
C VAL B 205 -12.85 -32.17 29.56
N GLU B 206 -14.09 -31.85 29.20
CA GLU B 206 -14.37 -31.17 27.93
C GLU B 206 -14.14 -29.67 28.00
N SER B 207 -13.59 -29.15 29.10
CA SER B 207 -13.32 -27.72 29.23
C SER B 207 -11.84 -27.41 29.36
N ILE B 208 -10.98 -28.41 29.17
CA ILE B 208 -9.54 -28.22 29.36
C ILE B 208 -8.78 -28.70 28.13
N ASN B 209 -9.48 -28.85 27.00
CA ASN B 209 -8.87 -29.32 25.76
C ASN B 209 -9.34 -28.42 24.62
N LYS B 210 -8.54 -27.39 24.31
CA LYS B 210 -8.81 -26.50 23.19
C LYS B 210 -7.59 -26.30 22.31
N SER B 211 -6.66 -27.25 22.31
CA SER B 211 -5.38 -27.19 21.60
C SER B 211 -4.51 -26.02 22.07
N LYS B 212 -4.88 -25.38 23.18
CA LYS B 212 -4.13 -24.26 23.72
C LYS B 212 -3.39 -24.71 24.97
N VAL B 213 -2.11 -24.38 25.05
CA VAL B 213 -1.29 -24.67 26.22
C VAL B 213 -1.28 -23.42 27.08
N LEU B 214 -1.80 -23.54 28.31
CA LEU B 214 -1.99 -22.40 29.18
C LEU B 214 -0.73 -22.15 30.01
N PHE B 215 -0.75 -21.07 30.79
CA PHE B 215 0.39 -20.69 31.61
C PHE B 215 0.19 -21.24 33.02
N ASN B 216 1.16 -22.05 33.48
CA ASN B 216 1.13 -22.63 34.82
C ASN B 216 2.20 -21.92 35.64
N ILE B 217 1.77 -20.98 36.48
CA ILE B 217 2.72 -20.20 37.27
C ILE B 217 3.45 -21.07 38.28
N TRP B 218 2.88 -22.20 38.68
CA TRP B 218 3.59 -23.12 39.56
C TRP B 218 4.81 -23.72 38.87
N PHE B 219 4.62 -24.27 37.67
CA PHE B 219 5.75 -24.81 36.92
C PHE B 219 6.75 -23.72 36.58
N TYR B 220 6.25 -22.51 36.30
CA TYR B 220 7.14 -21.38 36.07
C TYR B 220 7.93 -21.03 37.32
N GLN B 221 7.36 -21.26 38.50
CA GLN B 221 8.05 -20.96 39.75
C GLN B 221 8.77 -22.18 40.33
N TYR B 222 8.42 -23.39 39.89
CA TYR B 222 9.10 -24.59 40.36
C TYR B 222 10.31 -24.95 39.50
N GLU B 223 10.28 -24.61 38.22
CA GLU B 223 11.39 -24.89 37.32
C GLU B 223 12.13 -23.64 36.87
N GLY B 224 11.49 -22.48 36.90
CA GLY B 224 12.15 -21.25 36.51
C GLY B 224 12.04 -20.96 35.03
N ARG B 225 11.98 -19.67 34.69
CA ARG B 225 11.98 -19.26 33.29
C ARG B 225 13.17 -19.82 32.54
N LYS B 226 14.31 -19.97 33.22
CA LYS B 226 15.49 -20.59 32.60
C LYS B 226 15.17 -21.98 32.07
N GLU B 227 14.31 -22.72 32.77
CA GLU B 227 13.97 -24.09 32.41
C GLU B 227 12.57 -24.25 31.86
N TYR B 228 11.60 -23.48 32.38
CA TYR B 228 10.22 -23.59 31.90
C TYR B 228 10.14 -23.35 30.40
N LEU B 229 10.89 -22.37 29.89
CA LEU B 229 10.90 -22.11 28.46
C LEU B 229 11.63 -23.21 27.68
N ARG B 230 12.68 -23.78 28.28
CA ARG B 230 13.43 -24.82 27.59
C ARG B 230 12.58 -26.06 27.37
N LYS B 231 11.73 -26.40 28.35
CA LYS B 231 10.84 -27.55 28.19
C LYS B 231 9.87 -27.35 27.03
N LEU B 232 9.24 -26.16 26.97
CA LEU B 232 8.35 -25.86 25.86
C LEU B 232 9.07 -25.97 24.52
N LYS B 233 10.34 -25.58 24.48
CA LYS B 233 11.12 -25.67 23.26
C LYS B 233 11.32 -27.12 22.84
N GLU B 234 11.83 -27.95 23.74
CA GLU B 234 12.14 -29.33 23.37
C GLU B 234 10.87 -30.16 23.20
N SER B 235 9.78 -29.81 23.90
CA SER B 235 8.59 -30.66 23.90
C SER B 235 7.72 -30.42 22.68
N PHE B 236 7.46 -29.16 22.33
CA PHE B 236 6.49 -28.84 21.31
C PHE B 236 7.09 -28.59 19.93
N ILE B 237 8.19 -27.85 19.85
CA ILE B 237 8.68 -27.31 18.59
C ILE B 237 9.93 -28.05 18.09
N ARG B 238 10.98 -28.12 18.91
CA ARG B 238 12.14 -28.92 18.51
C ARG B 238 11.86 -30.42 18.54
N ARG B 239 10.67 -30.82 18.95
CA ARG B 239 10.31 -32.24 18.98
C ARG B 239 10.43 -32.87 17.60
N SER B 240 9.68 -32.37 16.63
CA SER B 240 9.61 -32.97 15.31
C SER B 240 10.09 -32.07 14.19
N VAL B 241 9.55 -30.85 14.09
CA VAL B 241 9.77 -29.99 12.93
C VAL B 241 11.17 -29.39 13.00
N ASN B 242 12.05 -29.80 12.08
CA ASN B 242 13.40 -29.25 12.05
C ASN B 242 13.71 -28.51 10.76
N THR B 243 13.69 -29.17 9.60
CA THR B 243 14.25 -28.58 8.38
C THR B 243 13.43 -28.95 7.14
N SER B 244 12.12 -28.89 7.23
CA SER B 244 11.43 -29.23 6.00
C SER B 244 10.75 -28.00 5.39
N PRO B 245 10.80 -27.83 4.08
CA PRO B 245 10.23 -26.63 3.45
C PRO B 245 8.70 -26.59 3.49
N TYR B 246 8.14 -26.43 4.68
CA TYR B 246 6.71 -26.31 4.84
C TYR B 246 6.31 -24.84 4.86
N ALA B 247 5.05 -24.57 5.15
CA ALA B 247 4.54 -23.20 5.30
C ALA B 247 4.16 -23.03 6.77
N ARG B 248 4.98 -22.31 7.51
CA ARG B 248 4.80 -22.12 8.95
C ARG B 248 4.25 -20.72 9.22
N PHE B 249 3.23 -20.64 10.06
CA PHE B 249 2.49 -19.41 10.30
C PHE B 249 2.60 -19.03 11.77
N PHE B 250 3.54 -18.16 12.09
CA PHE B 250 3.71 -17.68 13.45
C PHE B 250 2.72 -16.56 13.75
N ILE B 251 1.92 -16.74 14.80
CA ILE B 251 0.90 -15.77 15.20
C ILE B 251 1.22 -15.30 16.61
N LEU B 252 1.27 -13.98 16.80
CA LEU B 252 1.69 -13.39 18.05
C LEU B 252 0.74 -12.27 18.45
N GLU B 253 0.41 -12.21 19.74
CA GLU B 253 -0.40 -11.13 20.29
C GLU B 253 0.51 -10.18 21.06
N PHE B 254 0.34 -8.88 20.82
CA PHE B 254 1.08 -7.87 21.58
C PHE B 254 0.24 -6.59 21.59
N GLN B 255 -0.07 -6.12 22.79
CA GLN B 255 -0.86 -4.91 22.94
C GLN B 255 -0.01 -3.69 22.60
N ASP B 256 -0.61 -2.51 22.68
CA ASP B 256 0.12 -1.28 22.40
C ASP B 256 0.90 -0.85 23.63
N LYS B 257 1.64 -1.78 24.23
CA LYS B 257 2.48 -1.50 25.38
C LYS B 257 3.81 -2.26 25.33
N THR B 258 4.14 -2.89 24.21
CA THR B 258 5.33 -3.71 24.09
C THR B 258 6.38 -2.96 23.28
N ASP B 259 7.64 -3.10 23.68
CA ASP B 259 8.74 -2.49 22.97
C ASP B 259 8.86 -3.09 21.57
N ILE B 260 9.14 -2.24 20.59
CA ILE B 260 9.31 -2.72 19.22
C ILE B 260 10.59 -3.53 19.09
N LYS B 261 11.68 -3.06 19.70
CA LYS B 261 12.93 -3.81 19.68
C LYS B 261 12.77 -5.19 20.29
N THR B 262 11.84 -5.35 21.24
CA THR B 262 11.52 -6.67 21.76
C THR B 262 10.88 -7.54 20.69
N VAL B 263 10.15 -6.93 19.75
CA VAL B 263 9.46 -7.72 18.73
C VAL B 263 10.41 -8.07 17.59
N LYS B 264 11.23 -7.12 17.14
CA LYS B 264 12.12 -7.38 16.01
C LYS B 264 13.14 -8.46 16.35
N ASP B 265 13.67 -8.45 17.57
CA ASP B 265 14.63 -9.48 17.97
C ASP B 265 14.00 -10.87 17.97
N CYS B 266 12.67 -10.94 18.13
CA CYS B 266 11.98 -12.22 18.00
C CYS B 266 11.79 -12.60 16.54
N ILE B 267 11.31 -11.64 15.73
CA ILE B 267 11.14 -11.88 14.29
C ILE B 267 12.47 -12.29 13.67
N TYR B 268 13.56 -11.59 14.03
CA TYR B 268 14.87 -11.95 13.51
C TYR B 268 15.24 -13.38 13.90
N LYS B 269 14.94 -13.78 15.14
CA LYS B 269 15.21 -15.16 15.54
C LYS B 269 14.31 -16.14 14.79
N ILE B 270 13.04 -15.79 14.59
CA ILE B 270 12.15 -16.62 13.80
C ILE B 270 12.68 -16.75 12.38
N GLN B 271 12.98 -15.63 11.73
CA GLN B 271 13.48 -15.66 10.37
C GLN B 271 14.82 -16.40 10.28
N SER B 272 15.64 -16.31 11.31
CA SER B 272 16.94 -16.99 11.31
C SER B 272 16.84 -18.47 11.62
N ASN B 273 15.69 -18.95 12.10
CA ASN B 273 15.52 -20.35 12.44
C ASN B 273 14.57 -21.09 11.51
N TRP B 274 13.84 -20.38 10.65
CA TRP B 274 12.87 -21.00 9.75
C TRP B 274 13.09 -20.53 8.33
N SER B 275 14.36 -20.34 7.94
CA SER B 275 14.70 -19.95 6.58
C SER B 275 15.95 -20.70 6.16
N ASN B 276 15.91 -21.31 4.99
CA ASN B 276 17.06 -21.98 4.38
C ASN B 276 17.29 -21.41 2.99
N LEU B 277 17.28 -20.09 2.90
CA LEU B 277 17.50 -19.40 1.63
C LEU B 277 18.99 -19.34 1.33
N SER B 278 19.64 -20.48 1.35
CA SER B 278 21.09 -20.55 1.16
C SER B 278 21.42 -20.45 -0.32
N LYS B 279 22.70 -20.62 -0.66
CA LYS B 279 23.17 -20.56 -2.03
C LYS B 279 23.02 -21.88 -2.77
N ARG B 280 22.98 -23.00 -2.05
CA ARG B 280 22.95 -24.32 -2.66
C ARG B 280 21.55 -24.92 -2.73
N THR B 281 20.65 -24.54 -1.83
CA THR B 281 19.38 -25.23 -1.68
C THR B 281 18.47 -24.96 -2.86
N ASP B 282 18.02 -26.02 -3.52
CA ASP B 282 17.03 -25.93 -4.59
C ASP B 282 15.61 -26.02 -4.08
N ARG B 283 15.43 -26.23 -2.77
CA ARG B 283 14.11 -26.29 -2.15
C ARG B 283 14.08 -25.34 -0.96
N PRO B 284 14.06 -24.04 -1.21
CA PRO B 284 14.11 -23.06 -0.12
C PRO B 284 12.73 -22.78 0.47
N TYR B 285 12.73 -22.02 1.56
CA TYR B 285 11.50 -21.65 2.24
C TYR B 285 11.76 -20.52 3.22
N SER B 286 10.72 -19.74 3.48
CA SER B 286 10.75 -18.62 4.41
C SER B 286 9.42 -18.57 5.15
N PRO B 287 9.43 -18.18 6.41
CA PRO B 287 8.25 -18.32 7.26
C PRO B 287 7.21 -17.22 7.04
N PHE B 288 6.08 -17.36 7.72
CA PHE B 288 4.98 -16.40 7.69
C PHE B 288 4.75 -15.85 9.09
N LEU B 289 4.33 -14.59 9.15
CA LEU B 289 4.07 -13.92 10.42
C LEU B 289 2.73 -13.21 10.38
N LEU B 290 2.07 -13.15 11.54
CA LEU B 290 0.81 -12.42 11.68
C LEU B 290 0.68 -11.93 13.12
N PHE B 291 0.33 -10.66 13.27
CA PHE B 291 0.13 -10.04 14.58
C PHE B 291 -1.33 -9.63 14.73
N HIS B 292 -1.67 -9.19 15.94
CA HIS B 292 -3.01 -8.71 16.25
C HIS B 292 -2.99 -8.02 17.60
N GLY B 293 -4.11 -7.42 17.96
CA GLY B 293 -4.24 -6.73 19.25
C GLY B 293 -3.41 -5.47 19.35
N THR B 294 -3.38 -4.66 18.31
CA THR B 294 -2.59 -3.43 18.30
C THR B 294 -3.32 -2.39 17.46
N SER B 295 -2.65 -1.28 17.20
CA SER B 295 -3.16 -0.25 16.31
C SER B 295 -2.32 -0.23 15.03
N ASP B 296 -2.94 0.22 13.94
CA ASP B 296 -2.23 0.32 12.68
C ASP B 296 -1.04 1.25 12.75
N ALA B 297 -1.03 2.18 13.72
CA ALA B 297 0.11 3.07 13.89
C ALA B 297 1.36 2.29 14.26
N ASN B 298 1.25 1.42 15.27
CA ASN B 298 2.41 0.66 15.72
C ASN B 298 2.82 -0.40 14.70
N LEU B 299 1.85 -1.11 14.13
CA LEU B 299 2.18 -2.19 13.20
C LEU B 299 2.81 -1.66 11.92
N TYR B 300 2.34 -0.51 11.42
CA TYR B 300 2.91 0.04 10.19
C TYR B 300 4.32 0.58 10.42
N GLU B 301 4.52 1.30 11.52
CA GLU B 301 5.86 1.81 11.83
C GLU B 301 6.83 0.67 12.08
N LEU B 302 6.36 -0.44 12.63
CA LEU B 302 7.21 -1.61 12.80
C LEU B 302 7.75 -2.08 11.45
N LYS B 303 6.90 -2.10 10.43
CA LYS B 303 7.34 -2.50 9.10
C LYS B 303 8.28 -1.46 8.49
N ASN B 304 8.10 -0.18 8.83
CA ASN B 304 8.97 0.87 8.32
C ASN B 304 10.37 0.83 8.94
N GLN B 305 10.55 0.12 10.05
CA GLN B 305 11.87 -0.06 10.63
C GLN B 305 12.61 -1.24 10.02
N LEU B 306 11.88 -2.24 9.52
CA LEU B 306 12.52 -3.44 8.99
C LEU B 306 13.01 -3.21 7.55
N PHE B 307 12.22 -2.50 6.73
CA PHE B 307 12.65 -2.21 5.38
C PHE B 307 13.85 -1.27 5.36
N ASN B 308 13.97 -0.40 6.36
CA ASN B 308 15.19 0.38 6.53
C ASN B 308 16.33 -0.47 7.08
N GLU B 309 16.00 -1.51 7.86
CA GLU B 309 16.98 -2.50 8.30
C GLU B 309 17.32 -3.50 7.21
N ASP B 310 16.80 -3.31 6.00
CA ASP B 310 17.05 -4.19 4.86
C ASP B 310 16.56 -5.61 5.11
N LEU B 311 15.48 -5.75 5.86
CA LEU B 311 14.79 -7.03 6.04
C LEU B 311 13.60 -7.02 5.09
N ILE B 312 13.80 -7.55 3.90
CA ILE B 312 12.80 -7.46 2.83
C ILE B 312 11.75 -8.52 3.03
N PHE B 313 10.48 -8.14 2.83
CA PHE B 313 9.36 -9.04 3.03
C PHE B 313 8.26 -8.66 2.04
N THR B 314 7.06 -9.21 2.27
CA THR B 314 5.90 -8.90 1.44
C THR B 314 4.64 -9.20 2.23
N ASP B 315 3.55 -8.49 1.90
CA ASP B 315 2.28 -8.69 2.58
C ASP B 315 1.12 -8.69 1.60
N GLY B 316 1.38 -9.05 0.34
CA GLY B 316 0.34 -9.10 -0.66
C GLY B 316 0.19 -7.80 -1.43
N TYR B 317 -0.07 -6.71 -0.73
CA TYR B 317 -0.29 -5.41 -1.35
C TYR B 317 1.03 -4.86 -1.89
N PRO B 318 1.21 -4.71 -3.19
CA PRO B 318 2.44 -4.13 -3.74
C PRO B 318 2.39 -2.63 -3.99
N PHE B 319 1.26 -1.99 -3.75
CA PHE B 319 1.13 -0.55 -3.95
C PHE B 319 -0.08 -0.04 -3.19
N LYS B 320 -0.22 1.28 -3.15
CA LYS B 320 -1.34 1.89 -2.46
C LYS B 320 -2.66 1.49 -3.13
N GLY B 321 -3.69 1.33 -2.30
CA GLY B 321 -5.01 0.99 -2.82
C GLY B 321 -5.08 -0.34 -3.53
N SER B 322 -4.12 -1.23 -3.31
CA SER B 322 -4.12 -2.52 -3.97
C SER B 322 -5.10 -3.48 -3.30
N VAL B 323 -5.27 -4.64 -3.92
CA VAL B 323 -6.06 -5.74 -3.37
C VAL B 323 -5.10 -6.87 -3.03
N PHE B 324 -5.48 -7.66 -2.02
CA PHE B 324 -4.60 -8.71 -1.52
C PHE B 324 -4.25 -9.70 -2.62
N THR B 325 -2.95 -9.76 -2.95
CA THR B 325 -2.42 -10.64 -3.98
C THR B 325 -1.55 -11.71 -3.31
N PRO B 326 -2.11 -12.86 -2.95
CA PRO B 326 -1.33 -13.84 -2.18
C PRO B 326 -0.21 -14.50 -2.95
N LYS B 327 -0.25 -14.48 -4.30
CA LYS B 327 0.80 -15.16 -5.05
C LYS B 327 2.17 -14.52 -4.82
N MET B 328 2.21 -13.21 -4.56
CA MET B 328 3.48 -12.57 -4.23
C MET B 328 4.05 -13.10 -2.92
N LEU B 329 3.19 -13.54 -2.00
CA LEU B 329 3.66 -14.23 -0.81
C LEU B 329 4.25 -15.59 -1.19
N ILE B 330 3.55 -16.32 -2.07
CA ILE B 330 4.07 -17.60 -2.54
C ILE B 330 5.30 -17.40 -3.40
N GLU B 331 5.31 -16.34 -4.22
CA GLU B 331 6.50 -16.04 -5.00
C GLU B 331 7.66 -15.64 -4.10
N GLY B 332 7.40 -14.81 -3.09
CA GLY B 332 8.43 -14.46 -2.13
C GLY B 332 8.77 -15.60 -1.18
N PHE B 333 7.87 -16.57 -1.02
CA PHE B 333 8.17 -17.74 -0.20
C PHE B 333 9.36 -18.51 -0.76
N SER B 334 9.45 -18.63 -2.08
CA SER B 334 10.54 -19.33 -2.73
C SER B 334 11.63 -18.39 -3.26
N ASN B 335 11.37 -17.09 -3.29
CA ASN B 335 12.38 -16.14 -3.73
C ASN B 335 13.32 -15.83 -2.58
N LYS B 336 14.62 -15.83 -2.86
CA LYS B 336 15.63 -15.66 -1.83
C LYS B 336 15.92 -14.20 -1.50
N GLU B 337 15.54 -13.27 -2.38
CA GLU B 337 15.64 -11.86 -2.05
C GLU B 337 14.60 -11.44 -1.01
N ILE B 338 13.58 -12.27 -0.78
CA ILE B 338 12.58 -12.04 0.25
C ILE B 338 12.95 -12.87 1.47
N HIS B 339 13.07 -12.21 2.62
CA HIS B 339 13.50 -12.89 3.83
C HIS B 339 12.37 -13.57 4.59
N PHE B 340 11.17 -12.97 4.58
CA PHE B 340 10.02 -13.58 5.22
C PHE B 340 8.76 -13.01 4.58
N GLN B 341 7.61 -13.50 5.03
CA GLN B 341 6.31 -13.06 4.52
C GLN B 341 5.48 -12.49 5.66
N PHE B 342 4.72 -11.45 5.37
CA PHE B 342 3.93 -10.74 6.36
C PHE B 342 2.44 -10.91 6.05
N ILE B 343 1.64 -10.97 7.12
CA ILE B 343 0.19 -11.03 7.04
C ILE B 343 -0.38 -9.96 7.96
N ASN B 344 -1.25 -9.11 7.42
CA ASN B 344 -1.72 -7.95 8.16
C ASN B 344 -2.86 -8.31 9.11
N ASP B 345 -3.95 -8.84 8.58
CA ASP B 345 -5.15 -9.13 9.35
C ASP B 345 -5.45 -10.62 9.32
N ILE B 346 -6.49 -11.02 10.06
CA ILE B 346 -6.88 -12.42 10.12
C ILE B 346 -7.70 -12.80 8.89
N ASP B 347 -8.42 -11.86 8.29
CA ASP B 347 -9.19 -12.16 7.09
C ASP B 347 -8.27 -12.46 5.91
N ASP B 348 -7.28 -11.60 5.68
CA ASP B 348 -6.27 -11.90 4.66
C ASP B 348 -5.48 -13.15 4.99
N PHE B 349 -5.41 -13.51 6.28
CA PHE B 349 -4.80 -14.78 6.66
C PHE B 349 -5.64 -15.95 6.19
N ASN B 350 -6.96 -15.90 6.43
CA ASN B 350 -7.85 -16.99 6.03
C ASN B 350 -7.80 -17.21 4.52
N GLU B 351 -7.68 -16.14 3.74
CA GLU B 351 -7.59 -16.26 2.29
C GLU B 351 -6.24 -16.81 1.83
N THR B 352 -5.29 -17.03 2.74
CA THR B 352 -3.98 -17.54 2.37
C THR B 352 -3.90 -19.07 2.48
N LEU B 353 -4.61 -19.67 3.43
CA LEU B 353 -4.55 -21.12 3.57
C LEU B 353 -5.09 -21.82 2.33
N ASN B 354 -6.32 -21.48 1.92
CA ASN B 354 -6.90 -22.09 0.73
C ASN B 354 -6.11 -21.78 -0.53
N SER B 355 -5.25 -20.77 -0.49
CA SER B 355 -4.34 -20.47 -1.59
C SER B 355 -3.05 -21.29 -1.53
N ILE B 356 -2.69 -21.81 -0.35
CA ILE B 356 -1.51 -22.65 -0.19
C ILE B 356 -1.91 -24.10 -0.37
N ASN B 357 -1.07 -24.87 -1.05
CA ASN B 357 -1.33 -26.28 -1.32
C ASN B 357 -0.16 -27.16 -0.89
N ILE B 358 0.48 -26.80 0.22
CA ILE B 358 1.56 -27.56 0.80
C ILE B 358 1.23 -27.78 2.28
N ARG B 359 2.04 -28.57 2.97
CA ARG B 359 1.90 -28.73 4.42
C ARG B 359 1.90 -27.38 5.11
N LYS B 360 0.94 -27.16 6.01
CA LYS B 360 0.80 -25.90 6.72
C LYS B 360 0.88 -26.18 8.22
N GLU B 361 1.78 -25.50 8.91
CA GLU B 361 1.90 -25.58 10.36
C GLU B 361 1.58 -24.23 10.97
N VAL B 362 1.05 -24.25 12.19
CA VAL B 362 0.60 -23.04 12.87
C VAL B 362 1.18 -23.02 14.27
N TYR B 363 1.94 -21.97 14.58
CA TYR B 363 2.45 -21.72 15.92
C TYR B 363 1.93 -20.38 16.40
N GLN B 364 1.09 -20.39 17.42
CA GLN B 364 0.53 -19.16 17.97
C GLN B 364 1.04 -18.96 19.39
N PHE B 365 1.36 -17.71 19.72
CA PHE B 365 1.69 -17.30 21.07
C PHE B 365 0.77 -16.15 21.47
N TYR B 366 0.35 -16.16 22.74
CA TYR B 366 -0.58 -15.15 23.21
C TYR B 366 -0.40 -14.98 24.71
N THR B 367 -0.91 -13.85 25.22
CA THR B 367 -0.90 -13.57 26.65
C THR B 367 -2.31 -13.39 27.22
N GLU B 368 -3.16 -12.62 26.53
CA GLU B 368 -4.50 -12.33 27.04
C GLU B 368 -5.60 -12.88 26.15
N ASN B 369 -5.55 -12.62 24.84
CA ASN B 369 -6.58 -13.08 23.92
C ASN B 369 -5.94 -13.96 22.84
N CYS B 370 -6.61 -15.06 22.54
CA CYS B 370 -6.17 -16.02 21.53
C CYS B 370 -7.04 -15.88 20.29
N LEU B 371 -6.68 -16.62 19.24
CA LEU B 371 -7.36 -16.57 17.96
C LEU B 371 -7.92 -17.94 17.60
N ASP B 372 -9.20 -17.98 17.25
CA ASP B 372 -9.82 -19.21 16.79
C ASP B 372 -9.15 -19.68 15.50
N ILE B 373 -8.71 -20.95 15.49
CA ILE B 373 -8.01 -21.51 14.35
C ILE B 373 -8.68 -22.83 13.98
N PRO B 374 -8.97 -23.08 12.70
CA PRO B 374 -9.67 -24.31 12.34
C PRO B 374 -8.90 -25.55 12.78
N SER B 375 -9.64 -26.53 13.30
CA SER B 375 -9.04 -27.77 13.80
C SER B 375 -8.39 -28.60 12.70
N GLN B 376 -8.57 -28.21 11.43
CA GLN B 376 -7.97 -28.97 10.34
C GLN B 376 -6.44 -28.95 10.40
N LEU B 377 -5.86 -27.83 10.86
CA LEU B 377 -4.42 -27.61 10.87
C LEU B 377 -3.80 -28.03 12.19
N PRO B 378 -2.53 -28.44 12.17
CA PRO B 378 -1.85 -28.76 13.44
C PRO B 378 -1.47 -27.50 14.21
N GLN B 379 -2.47 -26.83 14.78
CA GLN B 379 -2.23 -25.60 15.52
C GLN B 379 -1.50 -25.89 16.83
N VAL B 380 -0.65 -24.94 17.21
CA VAL B 380 0.10 -25.00 18.47
C VAL B 380 -0.06 -23.63 19.13
N ASN B 381 -0.99 -23.54 20.08
CA ASN B 381 -1.30 -22.29 20.77
C ASN B 381 -0.71 -22.34 22.18
N ILE B 382 -0.03 -21.26 22.57
CA ILE B 382 0.71 -21.24 23.83
C ILE B 382 0.46 -19.92 24.53
N GLN B 383 0.07 -19.97 25.81
CA GLN B 383 0.00 -18.80 26.66
C GLN B 383 1.34 -18.56 27.33
N VAL B 384 1.67 -17.28 27.54
CA VAL B 384 2.93 -16.88 28.14
C VAL B 384 2.67 -15.70 29.09
N LYS B 385 3.66 -15.41 29.92
CA LYS B 385 3.59 -14.28 30.83
C LYS B 385 4.09 -12.99 30.17
N ASP B 386 5.28 -13.04 29.56
CA ASP B 386 5.87 -11.88 28.91
C ASP B 386 6.23 -12.22 27.47
N PHE B 387 6.15 -11.22 26.60
CA PHE B 387 6.37 -11.43 25.18
C PHE B 387 7.80 -11.88 24.90
N ALA B 388 8.77 -11.35 25.65
CA ALA B 388 10.18 -11.64 25.41
C ALA B 388 10.56 -13.09 25.67
N ASP B 389 9.63 -13.91 26.16
CA ASP B 389 9.90 -15.32 26.43
C ASP B 389 9.75 -16.20 25.20
N ILE B 390 9.56 -15.60 24.02
CA ILE B 390 9.34 -16.36 22.80
C ILE B 390 10.65 -16.56 22.04
N LYS B 391 11.54 -15.57 22.07
CA LYS B 391 12.87 -15.72 21.49
C LYS B 391 13.59 -16.94 22.07
N GLU B 392 13.34 -17.25 23.33
CA GLU B 392 13.92 -18.42 23.99
C GLU B 392 13.14 -19.69 23.73
N ILE B 393 12.11 -19.64 22.88
CA ILE B 393 11.31 -20.81 22.53
C ILE B 393 11.53 -21.21 21.07
N VAL B 394 11.38 -20.25 20.16
CA VAL B 394 11.54 -20.53 18.74
C VAL B 394 13.01 -20.63 18.36
#